data_4GTE
#
_entry.id   4GTE
#
_cell.length_a   54.710
_cell.length_b   117.070
_cell.length_c   141.910
_cell.angle_alpha   90.00
_cell.angle_beta   90.00
_cell.angle_gamma   90.00
#
_symmetry.space_group_name_H-M   'P 21 21 21'
#
loop_
_entity.id
_entity.type
_entity.pdbx_description
1 polymer 'Thymidylate synthase thyX'
2 non-polymer 'FLAVIN-ADENINE DINUCLEOTIDE'
3 non-polymer 'N-({4-[(6aR)-3-amino-1-oxo-1,2,5,6,6a,7-hexahydroimidazo[1,5-f]pteridin-8(9H)-yl]phenyl}carbonyl)-L-glutamic acid'
4 water water
#
_entity_poly.entity_id   1
_entity_poly.type   'polypeptide(L)'
_entity_poly.pdbx_seq_one_letter_code
;MGSDKIHHHHHHMKIDILDKGFVELVDVMGNDLSAVRAARVSFDMGLKDEERDRHLIEYLMKHGHETPFEHIVFTFHVKA
PIFVARQWFRHRIASYNELSGRYSKLSYEFYIPSPERLEGYKTTIPPERVTEKISEIVDKAYRTYLELIESGVPRRVARI
VLPLNLYTRFFWTVNARSLMNFLNLRADSHAQWEIQQYALAIARIFKEKCPWTFEAFLKYAYKGDILKEVQV
;
_entity_poly.pdbx_strand_id   A,B,C,D
#
loop_
_chem_comp.id
_chem_comp.type
_chem_comp.name
_chem_comp.formula
FAD non-polymer 'FLAVIN-ADENINE DINUCLEOTIDE' 'C27 H33 N9 O15 P2'
MEF non-polymer 'N-({4-[(6aR)-3-amino-1-oxo-1,2,5,6,6a,7-hexahydroimidazo[1,5-f]pteridin-8(9H)-yl]phenyl}carbonyl)-L-glutamic acid' 'C20 H23 N7 O6'
#
# COMPACT_ATOMS: atom_id res chain seq x y z
N HIS A 11 -20.94 -15.41 -11.90
CA HIS A 11 -19.46 -15.43 -12.12
C HIS A 11 -18.78 -16.69 -11.56
N HIS A 12 -18.34 -17.58 -12.45
CA HIS A 12 -17.62 -18.79 -12.04
C HIS A 12 -16.93 -19.43 -13.27
N MET A 13 -15.63 -19.58 -13.18
CA MET A 13 -14.77 -20.11 -14.21
C MET A 13 -13.67 -20.86 -13.47
N LYS A 14 -13.21 -21.96 -14.03
CA LYS A 14 -12.08 -22.65 -13.45
C LYS A 14 -11.16 -23.14 -14.56
N ILE A 15 -9.87 -22.89 -14.41
CA ILE A 15 -8.88 -23.30 -15.40
C ILE A 15 -7.86 -24.18 -14.72
N ASP A 16 -7.65 -25.39 -15.25
CA ASP A 16 -6.71 -26.33 -14.69
C ASP A 16 -5.29 -25.97 -15.14
N ILE A 17 -4.34 -26.00 -14.22
CA ILE A 17 -2.97 -25.62 -14.53
C ILE A 17 -1.99 -26.65 -13.92
N LEU A 18 -0.97 -27.04 -14.67
CA LEU A 18 0.02 -28.06 -14.24
C LEU A 18 -0.68 -29.40 -14.08
N ASP A 19 -0.14 -30.28 -13.25
CA ASP A 19 -0.76 -31.58 -13.07
C ASP A 19 -2.04 -31.56 -12.18
N LYS A 20 -2.02 -30.75 -11.13
CA LYS A 20 -3.08 -30.75 -10.08
C LYS A 20 -3.54 -29.34 -9.67
N GLY A 21 -3.09 -28.33 -10.36
CA GLY A 21 -3.33 -26.96 -9.97
C GLY A 21 -4.54 -26.41 -10.66
N PHE A 22 -4.91 -25.20 -10.27
CA PHE A 22 -6.03 -24.51 -10.92
C PHE A 22 -6.07 -23.04 -10.51
N VAL A 23 -6.80 -22.28 -11.29
CA VAL A 23 -7.21 -20.93 -10.97
C VAL A 23 -8.74 -20.90 -11.16
N GLU A 24 -9.45 -20.52 -10.13
CA GLU A 24 -10.91 -20.50 -10.11
C GLU A 24 -11.34 -19.08 -9.76
N LEU A 25 -12.35 -18.59 -10.48
CA LEU A 25 -12.89 -17.24 -10.25
C LEU A 25 -13.97 -17.40 -9.19
N VAL A 26 -13.79 -16.73 -8.06
CA VAL A 26 -14.76 -16.79 -6.91
C VAL A 26 -15.79 -15.65 -7.04
N ASP A 27 -15.35 -14.46 -7.46
CA ASP A 27 -16.23 -13.30 -7.49
C ASP A 27 -15.59 -12.18 -8.31
N VAL A 28 -16.42 -11.27 -8.83
CA VAL A 28 -15.94 -10.05 -9.49
C VAL A 28 -16.87 -8.89 -9.15
N MET A 29 -16.31 -7.73 -8.87
CA MET A 29 -17.09 -6.53 -8.73
C MET A 29 -16.81 -5.65 -9.92
N GLY A 30 -17.86 -5.36 -10.65
CA GLY A 30 -17.73 -4.46 -11.77
C GLY A 30 -17.39 -5.14 -13.07
N ASN A 31 -17.21 -4.30 -14.07
CA ASN A 31 -16.92 -4.73 -15.43
C ASN A 31 -16.26 -3.55 -16.08
N ASP A 32 -16.10 -3.55 -17.40
CA ASP A 32 -15.46 -2.39 -18.01
C ASP A 32 -16.16 -1.08 -17.68
N LEU A 33 -17.48 -1.06 -17.64
CA LEU A 33 -18.20 0.19 -17.34
C LEU A 33 -17.97 0.78 -15.93
N SER A 34 -17.51 -0.05 -15.00
CA SER A 34 -17.13 0.41 -13.67
C SER A 34 -15.98 1.44 -13.72
N ALA A 35 -15.02 1.23 -14.62
CA ALA A 35 -13.92 2.17 -14.85
C ALA A 35 -14.40 3.47 -15.53
N VAL A 36 -15.35 3.35 -16.47
CA VAL A 36 -15.94 4.50 -17.14
C VAL A 36 -16.70 5.39 -16.12
N ARG A 37 -17.49 4.75 -15.24
CA ARG A 37 -18.25 5.43 -14.20
C ARG A 37 -17.29 6.16 -13.23
N ALA A 38 -16.21 5.51 -12.84
CA ALA A 38 -15.22 6.06 -11.92
C ALA A 38 -14.52 7.29 -12.51
N ALA A 39 -14.14 7.17 -13.78
CA ALA A 39 -13.49 8.24 -14.50
C ALA A 39 -14.36 9.48 -14.62
N ARG A 40 -15.62 9.30 -14.95
CA ARG A 40 -16.57 10.39 -14.97
C ARG A 40 -17.23 10.77 -13.60
N VAL A 41 -17.05 9.96 -12.57
CA VAL A 41 -17.90 10.05 -11.35
C VAL A 41 -19.44 10.05 -11.68
N SER A 42 -19.93 8.97 -12.29
CA SER A 42 -21.29 8.89 -12.88
C SER A 42 -21.91 7.49 -12.86
N PHE A 43 -23.16 7.37 -13.36
CA PHE A 43 -23.83 6.05 -13.47
C PHE A 43 -24.17 5.57 -14.89
N ASP A 44 -23.30 5.86 -15.87
CA ASP A 44 -23.49 5.39 -17.28
C ASP A 44 -23.43 3.87 -17.33
N MET A 45 -24.22 3.29 -18.23
CA MET A 45 -24.38 1.83 -18.31
C MET A 45 -24.88 1.37 -19.68
N GLU A 50 -21.72 3.96 -25.80
CA GLU A 50 -20.92 2.76 -25.99
C GLU A 50 -19.63 2.95 -26.79
N GLU A 51 -19.75 3.42 -28.03
CA GLU A 51 -18.57 3.86 -28.81
C GLU A 51 -17.77 4.91 -27.99
N ARG A 52 -18.49 5.78 -27.31
CA ARG A 52 -17.91 6.78 -26.43
C ARG A 52 -17.22 6.14 -25.24
N ASP A 53 -17.83 5.06 -24.73
CA ASP A 53 -17.35 4.41 -23.52
C ASP A 53 -16.09 3.57 -23.82
N ARG A 54 -16.10 2.79 -24.89
CA ARG A 54 -14.88 2.13 -25.37
C ARG A 54 -13.75 3.13 -25.63
N HIS A 55 -14.07 4.24 -26.27
CA HIS A 55 -13.07 5.25 -26.65
C HIS A 55 -12.41 5.76 -25.38
N LEU A 56 -13.20 5.96 -24.34
CA LEU A 56 -12.70 6.45 -23.07
C LEU A 56 -11.76 5.46 -22.41
N ILE A 57 -12.13 4.18 -22.40
CA ILE A 57 -11.29 3.13 -21.83
C ILE A 57 -9.93 3.13 -22.54
N GLU A 58 -9.95 3.22 -23.86
CA GLU A 58 -8.70 3.29 -24.64
C GLU A 58 -7.89 4.56 -24.34
N TYR A 59 -8.57 5.69 -24.21
CA TYR A 59 -7.96 6.98 -23.85
C TYR A 59 -7.23 6.90 -22.49
N LEU A 60 -7.92 6.35 -21.48
CA LEU A 60 -7.32 6.17 -20.16
C LEU A 60 -6.08 5.29 -20.17
N MET A 61 -6.16 4.16 -20.87
CA MET A 61 -5.07 3.19 -20.95
C MET A 61 -3.84 3.83 -21.68
N LYS A 62 -4.10 4.44 -22.83
CA LYS A 62 -3.05 5.09 -23.67
C LYS A 62 -2.23 6.13 -22.90
N HIS A 63 -2.95 6.97 -22.16
CA HIS A 63 -2.34 8.07 -21.41
C HIS A 63 -1.98 7.73 -19.98
N GLY A 64 -2.04 6.44 -19.62
CA GLY A 64 -1.65 5.96 -18.30
C GLY A 64 -2.52 6.44 -17.13
N HIS A 65 -3.76 6.85 -17.37
CA HIS A 65 -4.64 7.18 -16.26
C HIS A 65 -5.36 5.91 -15.80
N GLU A 66 -4.68 5.17 -14.93
CA GLU A 66 -5.07 3.83 -14.57
C GLU A 66 -5.91 3.74 -13.32
N THR A 67 -6.07 4.86 -12.58
CA THR A 67 -6.82 4.81 -11.32
C THR A 67 -8.28 4.30 -11.51
N PRO A 68 -8.93 4.63 -12.65
CA PRO A 68 -10.30 4.10 -12.87
C PRO A 68 -10.42 2.58 -12.86
N PHE A 69 -9.37 1.90 -13.31
CA PHE A 69 -9.35 0.45 -13.30
C PHE A 69 -9.23 -0.20 -11.93
N GLU A 70 -8.89 0.58 -10.91
CA GLU A 70 -8.88 0.07 -9.57
C GLU A 70 -10.26 -0.20 -9.06
N HIS A 71 -11.29 0.27 -9.76
CA HIS A 71 -12.67 0.10 -9.24
C HIS A 71 -13.28 -1.19 -9.81
N ILE A 72 -12.51 -1.97 -10.59
CA ILE A 72 -12.84 -3.36 -10.96
C ILE A 72 -12.01 -4.33 -10.09
N VAL A 73 -12.68 -5.27 -9.41
CA VAL A 73 -12.04 -6.10 -8.40
C VAL A 73 -12.40 -7.58 -8.63
N PHE A 74 -11.39 -8.44 -8.60
CA PHE A 74 -11.56 -9.88 -8.71
C PHE A 74 -11.19 -10.62 -7.44
N THR A 75 -11.88 -11.74 -7.16
CA THR A 75 -11.39 -12.69 -6.19
C THR A 75 -11.14 -14.00 -6.90
N PHE A 76 -9.91 -14.49 -6.75
CA PHE A 76 -9.53 -15.78 -7.28
C PHE A 76 -9.20 -16.79 -6.17
N HIS A 77 -9.46 -18.07 -6.44
CA HIS A 77 -9.02 -19.21 -5.60
C HIS A 77 -7.97 -19.99 -6.40
N VAL A 78 -6.74 -20.02 -5.91
CA VAL A 78 -5.63 -20.52 -6.71
C VAL A 78 -5.00 -21.71 -5.96
N LYS A 79 -4.73 -22.79 -6.70
CA LYS A 79 -3.95 -23.93 -6.14
C LYS A 79 -2.70 -23.99 -6.95
N ALA A 80 -1.54 -23.75 -6.30
CA ALA A 80 -0.23 -23.64 -6.96
C ALA A 80 0.87 -24.21 -6.06
N PRO A 81 1.97 -24.71 -6.69
CA PRO A 81 3.10 -25.11 -5.87
C PRO A 81 3.68 -23.93 -5.09
N ILE A 82 4.29 -24.23 -3.95
CA ILE A 82 4.96 -23.19 -3.16
C ILE A 82 5.91 -22.31 -3.95
N PHE A 83 6.78 -22.88 -4.80
CA PHE A 83 7.71 -22.04 -5.57
C PHE A 83 6.95 -21.00 -6.44
N VAL A 84 5.74 -21.32 -6.91
CA VAL A 84 4.92 -20.39 -7.69
C VAL A 84 4.28 -19.34 -6.77
N ALA A 85 3.71 -19.81 -5.68
CA ALA A 85 3.10 -18.91 -4.70
C ALA A 85 4.08 -17.92 -4.14
N ARG A 86 5.31 -18.32 -3.89
CA ARG A 86 6.28 -17.37 -3.36
C ARG A 86 6.52 -16.19 -4.25
N GLN A 87 6.63 -16.44 -5.54
CA GLN A 87 6.78 -15.37 -6.52
C GLN A 87 5.49 -14.52 -6.58
N TRP A 88 4.35 -15.19 -6.61
CA TRP A 88 3.05 -14.54 -6.67
C TRP A 88 2.82 -13.51 -5.51
N PHE A 89 3.19 -13.90 -4.30
CA PHE A 89 2.91 -13.12 -3.11
C PHE A 89 3.82 -11.92 -3.01
N ARG A 90 4.80 -11.85 -3.92
CA ARG A 90 5.57 -10.63 -4.03
C ARG A 90 4.74 -9.44 -4.46
N HIS A 91 3.58 -9.70 -5.05
CA HIS A 91 2.66 -8.63 -5.50
C HIS A 91 1.89 -8.08 -4.29
N ARG A 92 2.38 -6.99 -3.77
CA ARG A 92 1.94 -6.42 -2.51
C ARG A 92 0.59 -5.68 -2.60
N ILE A 93 0.25 -5.20 -3.78
CA ILE A 93 -0.98 -4.39 -3.88
C ILE A 93 -2.12 -5.32 -4.19
N ALA A 94 -2.53 -6.07 -3.15
CA ALA A 94 -3.49 -7.14 -3.29
C ALA A 94 -3.67 -7.78 -1.92
N SER A 95 -4.65 -8.66 -1.83
CA SER A 95 -5.05 -9.31 -0.59
C SER A 95 -4.97 -10.81 -0.73
N TYR A 96 -4.46 -11.49 0.28
CA TYR A 96 -4.16 -12.97 0.16
C TYR A 96 -4.65 -13.60 1.42
N ASN A 97 -5.19 -14.83 1.33
CA ASN A 97 -5.37 -15.64 2.48
C ASN A 97 -5.04 -17.05 2.07
N GLU A 98 -4.12 -17.64 2.77
CA GLU A 98 -3.55 -18.90 2.37
C GLU A 98 -4.10 -19.96 3.30
N LEU A 99 -4.30 -21.13 2.73
CA LEU A 99 -4.82 -22.30 3.47
C LEU A 99 -4.07 -22.57 4.76
N SER A 100 -4.83 -22.81 5.82
CA SER A 100 -4.30 -23.15 7.11
C SER A 100 -5.00 -24.34 7.71
N GLY A 101 -4.19 -25.22 8.29
CA GLY A 101 -4.70 -26.33 9.08
C GLY A 101 -5.61 -25.91 10.22
N ARG A 102 -5.52 -24.64 10.65
CA ARG A 102 -6.42 -24.12 11.72
C ARG A 102 -7.91 -24.19 11.32
N TYR A 103 -8.21 -23.95 10.05
CA TYR A 103 -9.62 -23.81 9.55
C TYR A 103 -10.10 -24.93 8.62
N SER A 104 -9.15 -25.58 7.93
CA SER A 104 -9.46 -26.51 6.84
C SER A 104 -8.56 -27.70 6.92
N LYS A 105 -9.04 -28.86 6.47
CA LYS A 105 -8.17 -30.01 6.37
C LYS A 105 -7.12 -29.80 5.26
N LEU A 106 -5.96 -30.42 5.48
CA LEU A 106 -4.78 -30.27 4.65
C LEU A 106 -4.61 -31.52 3.81
N SER A 107 -4.29 -31.35 2.54
CA SER A 107 -3.87 -32.50 1.76
C SER A 107 -2.49 -32.22 1.28
N TYR A 108 -1.85 -33.27 0.80
CA TYR A 108 -0.45 -33.25 0.47
C TYR A 108 -0.29 -33.72 -0.93
N GLU A 109 -0.13 -32.78 -1.84
CA GLU A 109 0.04 -33.05 -3.25
C GLU A 109 1.25 -32.28 -3.73
N PHE A 110 1.91 -32.77 -4.78
CA PHE A 110 3.11 -32.20 -5.30
C PHE A 110 3.09 -32.10 -6.81
N TYR A 111 3.73 -31.04 -7.30
CA TYR A 111 3.84 -30.83 -8.73
C TYR A 111 5.00 -31.67 -9.30
N ILE A 112 4.68 -32.65 -10.13
CA ILE A 112 5.66 -33.45 -10.84
C ILE A 112 5.65 -32.99 -12.29
N PRO A 113 6.76 -32.41 -12.75
CA PRO A 113 6.78 -31.97 -14.15
C PRO A 113 6.72 -33.14 -15.12
N SER A 114 6.06 -32.94 -16.25
CA SER A 114 6.04 -34.01 -17.23
C SER A 114 7.38 -34.03 -17.95
N PRO A 115 7.67 -35.16 -18.60
CA PRO A 115 8.80 -35.28 -19.48
C PRO A 115 8.87 -34.22 -20.58
N GLU A 116 7.72 -33.83 -21.15
CA GLU A 116 7.67 -32.80 -22.21
C GLU A 116 8.13 -31.46 -21.70
N ARG A 117 7.98 -31.21 -20.41
CA ARG A 117 8.49 -30.00 -19.77
C ARG A 117 10.01 -29.85 -19.92
N LEU A 118 10.68 -30.96 -20.12
CA LEU A 118 12.15 -31.02 -20.06
C LEU A 118 12.81 -31.20 -21.44
N GLU A 119 12.10 -30.80 -22.51
CA GLU A 119 12.61 -30.79 -23.90
C GLU A 119 13.03 -29.42 -24.42
N GLY A 120 13.97 -29.44 -25.37
CA GLY A 120 14.80 -28.30 -25.66
C GLY A 120 16.11 -28.61 -24.95
N TYR A 121 15.97 -28.90 -23.67
CA TYR A 121 17.10 -29.12 -22.79
C TYR A 121 17.68 -30.46 -23.10
N LYS A 122 18.98 -30.46 -23.34
CA LYS A 122 19.67 -31.65 -23.85
C LYS A 122 20.22 -32.46 -22.70
N THR A 123 19.33 -32.93 -21.84
CA THR A 123 19.73 -33.63 -20.62
C THR A 123 20.48 -34.94 -20.87
N THR A 124 21.42 -35.26 -19.98
CA THR A 124 22.22 -36.45 -20.10
C THR A 124 21.48 -37.72 -19.68
N ILE A 125 20.34 -37.59 -18.98
CA ILE A 125 19.45 -38.75 -18.79
C ILE A 125 18.10 -38.44 -19.41
N PRO A 126 17.30 -39.47 -19.72
CA PRO A 126 16.05 -39.21 -20.42
C PRO A 126 15.10 -38.39 -19.56
N PRO A 127 14.28 -37.55 -20.19
CA PRO A 127 13.34 -36.73 -19.44
C PRO A 127 12.43 -37.56 -18.51
N GLU A 128 12.04 -38.77 -18.94
CA GLU A 128 11.22 -39.66 -18.12
C GLU A 128 11.91 -39.99 -16.80
N ARG A 129 13.23 -40.19 -16.85
CA ARG A 129 14.04 -40.46 -15.66
C ARG A 129 14.21 -39.25 -14.79
N VAL A 130 14.22 -38.05 -15.39
CA VAL A 130 14.21 -36.83 -14.60
C VAL A 130 12.92 -36.72 -13.76
N THR A 131 11.78 -36.87 -14.42
CA THR A 131 10.45 -36.96 -13.78
C THR A 131 10.45 -38.01 -12.65
N GLU A 132 11.00 -39.19 -12.92
CA GLU A 132 11.00 -40.26 -11.92
C GLU A 132 11.91 -39.92 -10.75
N LYS A 133 13.09 -39.37 -11.00
CA LYS A 133 13.92 -38.94 -9.87
C LYS A 133 13.26 -37.88 -8.99
N ILE A 134 12.47 -36.97 -9.58
CA ILE A 134 11.75 -35.93 -8.83
C ILE A 134 10.64 -36.61 -8.00
N SER A 135 9.94 -37.55 -8.60
CA SER A 135 8.93 -38.31 -7.87
C SER A 135 9.52 -39.03 -6.66
N GLU A 136 10.70 -39.63 -6.84
CA GLU A 136 11.34 -40.38 -5.76
C GLU A 136 11.69 -39.55 -4.57
N ILE A 137 12.35 -38.43 -4.84
CA ILE A 137 12.86 -37.63 -3.73
C ILE A 137 11.70 -36.95 -2.98
N VAL A 138 10.67 -36.54 -3.70
CA VAL A 138 9.41 -36.04 -3.13
C VAL A 138 8.71 -37.08 -2.24
N ASP A 139 8.56 -38.29 -2.76
CA ASP A 139 8.07 -39.41 -1.98
C ASP A 139 8.91 -39.63 -0.69
N LYS A 140 10.23 -39.60 -0.78
CA LYS A 140 11.03 -39.79 0.44
C LYS A 140 10.81 -38.64 1.42
N ALA A 141 10.73 -37.41 0.91
CA ALA A 141 10.50 -36.25 1.81
C ALA A 141 9.15 -36.37 2.55
N TYR A 142 8.12 -36.72 1.80
CA TYR A 142 6.79 -36.81 2.35
C TYR A 142 6.72 -37.92 3.38
N ARG A 143 7.30 -39.08 3.07
CA ARG A 143 7.34 -40.19 4.03
C ARG A 143 8.12 -39.85 5.32
N THR A 144 9.17 -39.03 5.19
CA THR A 144 9.90 -38.54 6.35
C THR A 144 8.99 -37.60 7.17
N TYR A 145 8.32 -36.69 6.48
CA TYR A 145 7.35 -35.81 7.13
C TYR A 145 6.30 -36.61 7.92
N LEU A 146 5.74 -37.65 7.29
CA LEU A 146 4.74 -38.49 7.93
C LEU A 146 5.25 -39.23 9.16
N GLU A 147 6.46 -39.79 9.07
CA GLU A 147 7.07 -40.43 10.20
C GLU A 147 7.32 -39.47 11.36
N LEU A 148 7.77 -38.23 11.08
CA LEU A 148 8.02 -37.25 12.13
C LEU A 148 6.70 -36.85 12.83
N ILE A 149 5.65 -36.67 12.03
CA ILE A 149 4.32 -36.36 12.54
C ILE A 149 3.84 -37.53 13.41
N GLU A 150 4.02 -38.75 12.91
CA GLU A 150 3.61 -40.00 13.62
C GLU A 150 4.29 -40.07 14.99
N SER A 151 5.50 -39.54 15.08
CA SER A 151 6.31 -39.60 16.29
C SER A 151 6.05 -38.50 17.32
N GLY A 152 5.10 -37.62 17.08
CA GLY A 152 4.84 -36.48 17.99
C GLY A 152 5.48 -35.13 17.65
N VAL A 153 6.31 -35.07 16.60
CA VAL A 153 6.83 -33.77 16.11
C VAL A 153 5.70 -32.84 15.61
N PRO A 154 5.65 -31.58 16.10
CA PRO A 154 4.66 -30.68 15.57
C PRO A 154 4.79 -30.43 14.06
N ARG A 155 3.64 -30.30 13.41
CA ARG A 155 3.50 -30.11 11.99
C ARG A 155 4.33 -28.92 11.53
N ARG A 156 4.32 -27.85 12.34
CA ARG A 156 5.08 -26.64 12.01
C ARG A 156 6.57 -26.88 11.85
N VAL A 157 7.08 -27.86 12.58
CA VAL A 157 8.48 -28.24 12.53
C VAL A 157 8.69 -29.31 11.46
N ALA A 158 7.88 -30.37 11.50
CA ALA A 158 8.07 -31.49 10.56
C ALA A 158 7.99 -31.03 9.12
N ARG A 159 7.09 -30.06 8.85
CA ARG A 159 6.85 -29.58 7.49
C ARG A 159 8.06 -28.96 6.80
N ILE A 160 9.09 -28.58 7.54
CA ILE A 160 10.30 -27.93 6.93
C ILE A 160 11.09 -28.88 6.00
N VAL A 161 10.84 -30.20 6.07
CA VAL A 161 11.49 -31.10 5.13
C VAL A 161 10.77 -31.23 3.81
N LEU A 162 9.55 -30.70 3.72
CA LEU A 162 8.77 -30.82 2.50
C LEU A 162 9.35 -29.92 1.40
N PRO A 163 9.32 -30.39 0.17
CA PRO A 163 9.89 -29.66 -0.94
C PRO A 163 9.02 -28.47 -1.44
N LEU A 164 9.70 -27.60 -2.16
CA LEU A 164 9.12 -26.45 -2.82
C LEU A 164 8.00 -26.73 -3.83
N ASN A 165 7.82 -27.98 -4.30
CA ASN A 165 6.75 -28.32 -5.27
C ASN A 165 5.48 -28.78 -4.60
N LEU A 166 5.44 -28.69 -3.28
CA LEU A 166 4.21 -28.94 -2.55
C LEU A 166 3.15 -27.89 -2.92
N TYR A 167 1.93 -28.37 -3.15
CA TYR A 167 0.81 -27.49 -3.50
C TYR A 167 0.25 -26.81 -2.26
N THR A 168 -0.03 -25.52 -2.39
CA THR A 168 -0.81 -24.78 -1.40
C THR A 168 -2.03 -24.19 -2.11
N ARG A 169 -2.96 -23.63 -1.35
CA ARG A 169 -4.05 -22.84 -1.92
C ARG A 169 -4.20 -21.52 -1.23
N PHE A 170 -4.70 -20.55 -1.97
CA PHE A 170 -4.94 -19.22 -1.46
C PHE A 170 -6.07 -18.55 -2.22
N PHE A 171 -6.74 -17.64 -1.52
CA PHE A 171 -7.61 -16.65 -2.11
C PHE A 171 -6.82 -15.40 -2.39
N TRP A 172 -7.09 -14.79 -3.54
CA TRP A 172 -6.39 -13.60 -4.03
C TRP A 172 -7.44 -12.59 -4.46
N THR A 173 -7.54 -11.48 -3.73
CA THR A 173 -8.39 -10.39 -4.16
C THR A 173 -7.49 -9.25 -4.66
N VAL A 174 -7.79 -8.82 -5.88
CA VAL A 174 -6.97 -7.92 -6.64
C VAL A 174 -7.76 -7.05 -7.62
N ASN A 175 -7.39 -5.77 -7.75
CA ASN A 175 -8.10 -4.87 -8.62
C ASN A 175 -7.47 -4.95 -10.02
N ALA A 176 -8.15 -4.43 -11.03
CA ALA A 176 -7.73 -4.67 -12.44
C ALA A 176 -6.40 -3.97 -12.74
N ARG A 177 -6.15 -2.84 -12.10
CA ARG A 177 -4.91 -2.16 -12.29
C ARG A 177 -3.73 -3.01 -11.80
N SER A 178 -3.84 -3.52 -10.59
CA SER A 178 -2.80 -4.36 -10.03
C SER A 178 -2.67 -5.68 -10.82
N LEU A 179 -3.78 -6.18 -11.34
CA LEU A 179 -3.77 -7.38 -12.11
C LEU A 179 -3.00 -7.13 -13.41
N MET A 180 -3.12 -5.94 -13.98
CA MET A 180 -2.36 -5.61 -15.19
C MET A 180 -0.88 -5.52 -14.91
N ASN A 181 -0.52 -4.97 -13.76
CA ASN A 181 0.90 -5.00 -13.34
C ASN A 181 1.42 -6.45 -13.16
N PHE A 182 0.62 -7.30 -12.54
CA PHE A 182 0.91 -8.72 -12.43
C PHE A 182 1.23 -9.40 -13.76
N LEU A 183 0.35 -9.18 -14.73
CA LEU A 183 0.52 -9.75 -16.06
C LEU A 183 1.78 -9.23 -16.75
N ASN A 184 2.05 -7.92 -16.60
CA ASN A 184 3.23 -7.31 -17.19
C ASN A 184 4.49 -8.03 -16.76
N LEU A 185 4.52 -8.51 -15.52
CA LEU A 185 5.69 -9.14 -14.95
C LEU A 185 5.71 -10.66 -15.17
N ARG A 186 4.56 -11.31 -15.04
CA ARG A 186 4.49 -12.78 -15.06
C ARG A 186 4.05 -13.42 -16.41
N ALA A 187 3.27 -12.69 -17.20
CA ALA A 187 2.94 -13.10 -18.57
C ALA A 187 4.03 -12.65 -19.52
N ASP A 188 5.19 -13.28 -19.34
CA ASP A 188 6.38 -12.87 -20.05
C ASP A 188 7.29 -14.09 -20.19
N SER A 189 7.88 -14.28 -21.36
CA SER A 189 8.70 -15.47 -21.61
C SER A 189 9.98 -15.58 -20.75
N HIS A 190 10.39 -14.49 -20.10
CA HIS A 190 11.54 -14.58 -19.17
C HIS A 190 11.13 -15.15 -17.82
N ALA A 191 9.82 -15.20 -17.53
CA ALA A 191 9.35 -15.74 -16.27
C ALA A 191 9.42 -17.28 -16.33
N GLN A 192 9.47 -17.93 -15.19
CA GLN A 192 9.48 -19.39 -15.21
C GLN A 192 8.23 -19.92 -15.91
N TRP A 193 8.38 -20.96 -16.71
CA TRP A 193 7.24 -21.51 -17.48
C TRP A 193 6.01 -21.79 -16.59
N GLU A 194 6.23 -22.36 -15.42
CA GLU A 194 5.13 -22.59 -14.47
C GLU A 194 4.38 -21.30 -14.11
N ILE A 195 5.08 -20.20 -13.83
CA ILE A 195 4.31 -18.99 -13.48
C ILE A 195 3.63 -18.41 -14.71
N GLN A 196 4.26 -18.52 -15.86
CA GLN A 196 3.61 -18.12 -17.11
C GLN A 196 2.24 -18.78 -17.31
N GLN A 197 2.14 -20.05 -16.95
CA GLN A 197 0.92 -20.84 -17.12
C GLN A 197 -0.16 -20.30 -16.21
N TYR A 198 0.18 -19.93 -14.97
CA TYR A 198 -0.73 -19.29 -14.09
C TYR A 198 -1.13 -17.90 -14.56
N ALA A 199 -0.20 -17.14 -15.09
CA ALA A 199 -0.53 -15.81 -15.61
C ALA A 199 -1.47 -15.87 -16.79
N LEU A 200 -1.30 -16.86 -17.65
CA LEU A 200 -2.15 -17.02 -18.80
C LEU A 200 -3.60 -17.30 -18.38
N ALA A 201 -3.78 -18.04 -17.29
CA ALA A 201 -5.10 -18.35 -16.75
C ALA A 201 -5.73 -17.10 -16.17
N ILE A 202 -4.96 -16.33 -15.41
CA ILE A 202 -5.42 -15.05 -14.89
C ILE A 202 -5.84 -14.10 -16.04
N ALA A 203 -5.03 -14.00 -17.09
CA ALA A 203 -5.34 -13.21 -18.25
C ALA A 203 -6.64 -13.67 -18.90
N ARG A 204 -6.76 -14.98 -19.05
CA ARG A 204 -7.91 -15.55 -19.64
C ARG A 204 -9.23 -15.12 -18.98
N ILE A 205 -9.24 -15.18 -17.65
CA ILE A 205 -10.40 -14.81 -16.84
C ILE A 205 -10.65 -13.29 -16.90
N PHE A 206 -9.58 -12.54 -16.78
CA PHE A 206 -9.64 -11.08 -16.92
C PHE A 206 -10.25 -10.67 -18.29
N LYS A 207 -9.82 -11.27 -19.39
CA LYS A 207 -10.35 -10.96 -20.72
C LYS A 207 -11.87 -11.23 -20.86
N GLU A 208 -12.29 -12.31 -20.23
CA GLU A 208 -13.65 -12.78 -20.29
C GLU A 208 -14.55 -11.79 -19.53
N LYS A 209 -14.08 -11.27 -18.40
CA LYS A 209 -14.92 -10.42 -17.60
C LYS A 209 -14.84 -8.92 -17.94
N CYS A 210 -13.68 -8.47 -18.42
CA CYS A 210 -13.41 -7.12 -18.85
C CYS A 210 -12.78 -7.11 -20.26
N PRO A 211 -13.55 -7.47 -21.28
CA PRO A 211 -12.98 -7.48 -22.66
C PRO A 211 -12.43 -6.15 -23.21
N TRP A 212 -13.04 -5.02 -22.85
CA TRP A 212 -12.58 -3.74 -23.41
C TRP A 212 -11.26 -3.32 -22.78
N THR A 213 -11.16 -3.51 -21.47
CA THR A 213 -10.01 -3.15 -20.69
C THR A 213 -8.86 -4.05 -21.09
N PHE A 214 -9.16 -5.34 -21.24
CA PHE A 214 -8.16 -6.31 -21.60
C PHE A 214 -7.55 -6.01 -22.98
N GLU A 215 -8.38 -5.76 -23.96
CA GLU A 215 -7.93 -5.42 -25.29
C GLU A 215 -7.17 -4.07 -25.35
N ALA A 216 -7.58 -3.08 -24.55
CA ALA A 216 -6.87 -1.81 -24.49
C ALA A 216 -5.49 -2.01 -23.81
N PHE A 217 -5.47 -2.83 -22.75
CA PHE A 217 -4.24 -3.25 -22.08
C PHE A 217 -3.28 -3.87 -23.11
N LEU A 218 -3.74 -4.86 -23.87
CA LEU A 218 -2.88 -5.48 -24.88
C LEU A 218 -2.36 -4.49 -25.91
N LYS A 219 -3.22 -3.61 -26.35
CA LYS A 219 -2.85 -2.66 -27.38
C LYS A 219 -1.82 -1.63 -26.93
N TYR A 220 -1.99 -1.11 -25.71
CA TYR A 220 -1.32 0.12 -25.27
C TYR A 220 -0.44 0.05 -24.08
N ALA A 221 -0.60 -0.93 -23.20
CA ALA A 221 0.08 -0.92 -21.90
C ALA A 221 0.83 -2.22 -21.57
N TYR A 222 0.51 -3.33 -22.25
CA TYR A 222 1.09 -4.63 -21.90
C TYR A 222 2.53 -4.67 -22.38
N LYS A 223 3.44 -5.05 -21.48
CA LYS A 223 4.91 -5.00 -21.79
C LYS A 223 5.49 -6.36 -22.13
N GLY A 224 4.70 -7.42 -21.96
CA GLY A 224 5.18 -8.78 -22.11
C GLY A 224 5.07 -9.26 -23.52
N ASP A 225 5.41 -10.52 -23.74
CA ASP A 225 5.32 -11.11 -25.08
C ASP A 225 4.24 -12.20 -25.20
N ILE A 226 4.07 -13.07 -24.20
CA ILE A 226 3.26 -14.28 -24.42
C ILE A 226 1.73 -14.10 -24.62
N LEU A 227 1.12 -13.01 -24.13
CA LEU A 227 -0.32 -12.85 -24.30
C LEU A 227 -0.71 -12.55 -25.74
N LYS A 228 0.25 -12.09 -26.54
CA LYS A 228 0.02 -11.81 -27.95
C LYS A 228 0.61 -12.92 -28.83
N GLU A 229 0.62 -14.17 -28.32
CA GLU A 229 1.10 -15.34 -29.10
C GLU A 229 0.12 -16.52 -28.94
N HIS B 12 -29.98 2.04 -5.36
CA HIS B 12 -28.74 2.26 -4.55
C HIS B 12 -29.14 3.01 -3.27
N MET B 13 -28.75 2.49 -2.11
CA MET B 13 -28.95 3.22 -0.86
C MET B 13 -28.20 4.55 -1.02
N LYS B 14 -28.92 5.67 -0.93
CA LYS B 14 -28.31 7.02 -0.88
C LYS B 14 -28.75 7.68 0.43
N ILE B 15 -27.76 8.07 1.23
CA ILE B 15 -27.98 8.64 2.54
C ILE B 15 -27.54 10.10 2.46
N ASP B 16 -28.47 11.03 2.73
CA ASP B 16 -28.15 12.46 2.68
C ASP B 16 -27.41 12.87 3.97
N ILE B 17 -26.36 13.65 3.81
CA ILE B 17 -25.52 14.09 4.92
C ILE B 17 -25.33 15.62 4.81
N LEU B 18 -25.32 16.32 5.94
CA LEU B 18 -25.13 17.79 5.96
C LEU B 18 -26.23 18.47 5.11
N ASP B 19 -25.99 19.65 4.53
CA ASP B 19 -27.07 20.36 3.82
C ASP B 19 -27.29 19.87 2.37
N LYS B 20 -26.22 19.46 1.69
CA LYS B 20 -26.28 19.03 0.27
C LYS B 20 -25.49 17.75 -0.05
N GLY B 21 -24.86 17.15 0.97
CA GLY B 21 -24.00 16.02 0.79
C GLY B 21 -24.73 14.71 0.73
N PHE B 22 -23.98 13.65 0.43
CA PHE B 22 -24.52 12.29 0.49
C PHE B 22 -23.42 11.23 0.47
N VAL B 23 -23.83 10.01 0.80
CA VAL B 23 -23.04 8.84 0.53
C VAL B 23 -23.96 7.89 -0.18
N GLU B 24 -23.52 7.35 -1.31
CA GLU B 24 -24.34 6.44 -2.08
C GLU B 24 -23.51 5.18 -2.36
N LEU B 25 -24.11 4.00 -2.27
CA LEU B 25 -23.46 2.76 -2.60
C LEU B 25 -23.55 2.45 -4.10
N VAL B 26 -22.40 2.39 -4.75
CA VAL B 26 -22.37 2.09 -6.21
C VAL B 26 -22.34 0.58 -6.43
N ASP B 27 -21.54 -0.13 -5.64
CA ASP B 27 -21.38 -1.56 -5.83
C ASP B 27 -20.75 -2.18 -4.60
N VAL B 28 -20.93 -3.49 -4.49
CA VAL B 28 -20.32 -4.27 -3.46
C VAL B 28 -19.94 -5.64 -4.00
N MET B 29 -18.76 -6.12 -3.62
CA MET B 29 -18.41 -7.51 -3.87
C MET B 29 -18.42 -8.30 -2.56
N GLY B 30 -19.31 -9.26 -2.48
CA GLY B 30 -19.32 -10.13 -1.35
C GLY B 30 -20.20 -9.71 -0.19
N ASN B 31 -20.16 -10.51 0.86
CA ASN B 31 -20.86 -10.22 2.10
C ASN B 31 -20.11 -10.95 3.19
N ASP B 32 -20.72 -11.16 4.36
CA ASP B 32 -20.00 -11.81 5.46
C ASP B 32 -19.44 -13.16 5.03
N LEU B 33 -20.17 -13.87 4.18
CA LEU B 33 -19.73 -15.19 3.79
C LEU B 33 -18.46 -15.13 2.96
N SER B 34 -18.14 -14.00 2.35
CA SER B 34 -16.89 -13.88 1.55
C SER B 34 -15.63 -13.95 2.44
N ALA B 35 -15.74 -13.45 3.67
CA ALA B 35 -14.67 -13.53 4.67
C ALA B 35 -14.56 -14.97 5.20
N VAL B 36 -15.69 -15.65 5.35
CA VAL B 36 -15.69 -17.05 5.78
C VAL B 36 -15.05 -17.90 4.72
N ARG B 37 -15.46 -17.73 3.48
CA ARG B 37 -14.84 -18.50 2.37
C ARG B 37 -13.31 -18.30 2.34
N ALA B 38 -12.89 -17.04 2.46
CA ALA B 38 -11.47 -16.66 2.34
C ALA B 38 -10.65 -17.31 3.46
N ALA B 39 -11.21 -17.29 4.68
CA ALA B 39 -10.56 -17.88 5.85
C ALA B 39 -10.42 -19.40 5.70
N ARG B 40 -11.48 -20.04 5.21
CA ARG B 40 -11.43 -21.48 4.96
C ARG B 40 -10.72 -21.83 3.64
N VAL B 41 -10.44 -20.83 2.80
CA VAL B 41 -9.91 -21.04 1.43
C VAL B 41 -10.71 -22.15 0.72
N SER B 42 -12.02 -21.98 0.65
CA SER B 42 -12.91 -22.99 0.03
C SER B 42 -14.13 -22.29 -0.55
N PHE B 43 -14.41 -22.54 -1.84
CA PHE B 43 -15.42 -21.77 -2.62
C PHE B 43 -16.83 -22.35 -2.44
N ASP B 49 -24.98 -23.60 7.05
CA ASP B 49 -25.00 -23.50 8.51
C ASP B 49 -24.54 -22.10 8.98
N GLU B 50 -25.55 -21.25 9.17
CA GLU B 50 -25.44 -19.89 9.70
C GLU B 50 -24.64 -19.76 11.01
N GLU B 51 -24.92 -20.62 12.00
CA GLU B 51 -24.34 -20.44 13.34
C GLU B 51 -22.82 -20.70 13.40
N ARG B 52 -22.38 -21.75 12.71
CA ARG B 52 -20.96 -22.04 12.52
C ARG B 52 -20.21 -20.88 11.79
N ASP B 53 -20.82 -20.39 10.72
CA ASP B 53 -20.26 -19.26 9.95
C ASP B 53 -20.15 -17.96 10.76
N ARG B 54 -21.19 -17.61 11.50
CA ARG B 54 -21.17 -16.44 12.37
C ARG B 54 -20.08 -16.59 13.45
N HIS B 55 -19.95 -17.80 13.98
CA HIS B 55 -18.92 -18.10 14.97
C HIS B 55 -17.51 -17.87 14.45
N LEU B 56 -17.25 -18.27 13.21
CA LEU B 56 -15.95 -18.07 12.61
C LEU B 56 -15.66 -16.57 12.49
N ILE B 57 -16.65 -15.80 12.06
CA ILE B 57 -16.45 -14.34 11.93
C ILE B 57 -15.98 -13.75 13.29
N GLU B 58 -16.69 -14.10 14.36
CA GLU B 58 -16.33 -13.62 15.69
C GLU B 58 -14.95 -14.07 16.09
N TYR B 59 -14.61 -15.33 15.86
CA TYR B 59 -13.28 -15.87 16.15
C TYR B 59 -12.19 -15.06 15.40
N LEU B 60 -12.42 -14.78 14.14
CA LEU B 60 -11.45 -14.04 13.34
C LEU B 60 -11.21 -12.68 13.98
N MET B 61 -12.29 -11.94 14.22
CA MET B 61 -12.20 -10.56 14.74
C MET B 61 -11.52 -10.51 16.13
N LYS B 62 -11.93 -11.43 17.01
CA LYS B 62 -11.40 -11.57 18.38
C LYS B 62 -9.90 -11.81 18.41
N HIS B 63 -9.40 -12.69 17.54
CA HIS B 63 -8.00 -13.11 17.55
C HIS B 63 -7.09 -12.31 16.56
N GLY B 64 -7.66 -11.31 15.91
CA GLY B 64 -6.89 -10.42 15.04
C GLY B 64 -6.61 -10.91 13.65
N HIS B 65 -7.32 -11.94 13.18
CA HIS B 65 -7.04 -12.50 11.85
C HIS B 65 -7.92 -11.69 10.88
N GLU B 66 -7.39 -10.54 10.47
CA GLU B 66 -8.18 -9.54 9.75
C GLU B 66 -8.11 -9.65 8.22
N THR B 67 -7.12 -10.36 7.70
CA THR B 67 -6.95 -10.49 6.27
C THR B 67 -8.24 -11.05 5.55
N PRO B 68 -8.98 -12.00 6.16
CA PRO B 68 -10.20 -12.46 5.44
C PRO B 68 -11.23 -11.38 5.10
N PHE B 69 -11.27 -10.32 5.92
CA PHE B 69 -12.17 -9.21 5.68
C PHE B 69 -11.75 -8.35 4.47
N GLU B 70 -10.51 -8.50 4.01
CA GLU B 70 -10.07 -7.79 2.82
C GLU B 70 -10.78 -8.25 1.54
N HIS B 71 -11.49 -9.38 1.63
CA HIS B 71 -12.12 -9.97 0.46
C HIS B 71 -13.59 -9.53 0.25
N ILE B 72 -14.04 -8.58 1.06
CA ILE B 72 -15.32 -7.89 0.89
C ILE B 72 -14.92 -6.46 0.48
N VAL B 73 -15.47 -6.00 -0.63
CA VAL B 73 -15.12 -4.71 -1.23
C VAL B 73 -16.35 -3.88 -1.55
N PHE B 74 -16.26 -2.57 -1.31
CA PHE B 74 -17.36 -1.65 -1.59
C PHE B 74 -16.90 -0.54 -2.50
N THR B 75 -17.79 -0.05 -3.35
CA THR B 75 -17.57 1.20 -4.07
C THR B 75 -18.68 2.20 -3.66
N PHE B 76 -18.26 3.35 -3.17
CA PHE B 76 -19.18 4.40 -2.72
C PHE B 76 -19.01 5.64 -3.63
N HIS B 77 -20.10 6.37 -3.83
CA HIS B 77 -20.08 7.73 -4.42
C HIS B 77 -20.42 8.73 -3.32
N VAL B 78 -19.53 9.68 -3.09
CA VAL B 78 -19.61 10.56 -1.94
C VAL B 78 -19.59 11.98 -2.48
N LYS B 79 -20.47 12.82 -1.93
CA LYS B 79 -20.48 14.26 -2.21
C LYS B 79 -20.21 14.91 -0.89
N ALA B 80 -19.07 15.59 -0.78
CA ALA B 80 -18.68 16.15 0.51
C ALA B 80 -17.92 17.44 0.31
N PRO B 81 -17.95 18.32 1.33
CA PRO B 81 -17.12 19.52 1.23
C PRO B 81 -15.66 19.16 1.12
N ILE B 82 -14.87 20.03 0.50
CA ILE B 82 -13.44 19.76 0.34
C ILE B 82 -12.72 19.53 1.64
N PHE B 83 -13.05 20.29 2.70
CA PHE B 83 -12.36 20.09 3.98
C PHE B 83 -12.56 18.69 4.57
N VAL B 84 -13.73 18.07 4.29
CA VAL B 84 -14.03 16.67 4.65
C VAL B 84 -13.28 15.70 3.71
N ALA B 85 -13.31 15.96 2.40
CA ALA B 85 -12.66 15.11 1.40
C ALA B 85 -11.18 15.04 1.68
N ARG B 86 -10.59 16.14 2.07
CA ARG B 86 -9.17 16.15 2.36
C ARG B 86 -8.80 15.28 3.57
N GLN B 87 -9.62 15.27 4.61
CA GLN B 87 -9.38 14.32 5.69
C GLN B 87 -9.55 12.85 5.22
N TRP B 88 -10.58 12.61 4.43
CA TRP B 88 -10.94 11.30 3.94
C TRP B 88 -9.83 10.66 3.07
N PHE B 89 -9.23 11.48 2.20
CA PHE B 89 -8.22 11.06 1.24
C PHE B 89 -6.88 10.73 1.91
N ARG B 90 -6.76 11.01 3.20
CA ARG B 90 -5.61 10.58 3.96
C ARG B 90 -5.58 9.07 4.12
N HIS B 91 -6.72 8.42 3.91
CA HIS B 91 -6.79 6.96 4.03
C HIS B 91 -6.26 6.37 2.71
N ARG B 92 -5.01 5.92 2.74
CA ARG B 92 -4.27 5.54 1.54
C ARG B 92 -4.58 4.15 0.98
N ILE B 93 -5.12 3.30 1.82
CA ILE B 93 -5.35 1.89 1.43
C ILE B 93 -6.79 1.80 0.91
N ALA B 94 -6.92 2.37 -0.27
CA ALA B 94 -8.22 2.62 -0.90
C ALA B 94 -7.96 3.24 -2.27
N SER B 95 -8.97 3.25 -3.14
CA SER B 95 -8.88 3.82 -4.50
C SER B 95 -9.91 4.97 -4.62
N TYR B 96 -9.48 6.08 -5.21
CA TYR B 96 -10.28 7.32 -5.30
C TYR B 96 -10.24 7.81 -6.73
N ASN B 97 -11.38 8.29 -7.22
CA ASN B 97 -11.46 9.12 -8.37
C ASN B 97 -12.40 10.26 -8.06
N GLU B 98 -11.83 11.48 -8.14
CA GLU B 98 -12.52 12.73 -7.80
C GLU B 98 -12.83 13.51 -9.06
N LEU B 99 -13.95 14.20 -9.02
CA LEU B 99 -14.38 15.11 -10.09
C LEU B 99 -13.25 16.10 -10.37
N SER B 100 -13.00 16.45 -11.62
CA SER B 100 -12.01 17.53 -11.86
C SER B 100 -12.59 18.69 -12.64
N GLY B 101 -13.17 18.39 -13.81
CA GLY B 101 -13.71 19.44 -14.68
C GLY B 101 -13.57 19.21 -16.18
N ARG B 102 -12.82 18.18 -16.59
CA ARG B 102 -12.67 17.81 -18.00
C ARG B 102 -12.90 16.32 -18.32
N TYR B 103 -13.42 15.56 -17.36
CA TYR B 103 -14.18 14.34 -17.67
C TYR B 103 -15.64 14.55 -17.28
N LEU B 106 -19.00 20.45 -13.95
CA LEU B 106 -19.03 20.75 -12.50
C LEU B 106 -20.32 21.48 -12.08
N SER B 107 -20.48 21.71 -10.78
CA SER B 107 -21.58 22.55 -10.28
C SER B 107 -21.12 23.01 -8.94
N TYR B 108 -21.76 24.04 -8.37
CA TYR B 108 -21.12 24.81 -7.31
C TYR B 108 -22.05 25.00 -6.13
N GLU B 109 -21.91 24.15 -5.15
CA GLU B 109 -22.66 24.26 -3.91
C GLU B 109 -21.69 24.31 -2.75
N PHE B 110 -22.17 24.87 -1.65
CA PHE B 110 -21.32 25.09 -0.50
C PHE B 110 -21.99 24.66 0.79
N TYR B 111 -21.20 24.09 1.70
CA TYR B 111 -21.71 23.68 2.99
C TYR B 111 -21.80 24.87 3.94
N ILE B 112 -23.01 25.17 4.37
CA ILE B 112 -23.23 26.26 5.33
C ILE B 112 -23.72 25.59 6.60
N PRO B 113 -22.91 25.63 7.68
CA PRO B 113 -23.28 25.11 8.98
C PRO B 113 -24.60 25.70 9.49
N SER B 114 -25.42 24.84 10.07
CA SER B 114 -26.66 25.29 10.68
C SER B 114 -26.37 25.94 12.02
N PRO B 115 -27.25 26.83 12.44
CA PRO B 115 -27.10 27.43 13.77
C PRO B 115 -26.90 26.39 14.86
N GLU B 116 -27.65 25.30 14.81
CA GLU B 116 -27.59 24.28 15.86
C GLU B 116 -26.21 23.63 15.92
N ARG B 117 -25.55 23.49 14.77
CA ARG B 117 -24.14 23.11 14.68
C ARG B 117 -23.18 23.96 15.54
N LEU B 118 -23.49 25.25 15.68
CA LEU B 118 -22.61 26.23 16.35
C LEU B 118 -23.02 26.59 17.78
N GLU B 119 -24.25 26.30 18.19
CA GLU B 119 -24.63 26.53 19.60
C GLU B 119 -23.93 25.49 20.46
N GLY B 120 -23.43 25.90 21.62
CA GLY B 120 -22.67 24.98 22.48
C GLY B 120 -21.23 25.43 22.65
N TYR B 121 -20.75 26.24 21.72
CA TYR B 121 -19.52 27.00 21.91
C TYR B 121 -19.94 28.37 22.40
N LYS B 122 -19.27 28.90 23.43
CA LYS B 122 -19.56 30.27 23.83
C LYS B 122 -19.06 31.23 22.76
N THR B 123 -19.98 31.96 22.13
CA THR B 123 -19.65 32.93 21.07
C THR B 123 -20.22 34.31 21.39
N THR B 124 -19.62 35.34 20.78
CA THR B 124 -19.95 36.76 21.07
C THR B 124 -21.08 37.29 20.20
N ILE B 125 -21.45 36.52 19.20
CA ILE B 125 -22.62 36.82 18.38
C ILE B 125 -23.49 35.56 18.38
N PRO B 126 -24.79 35.70 18.07
CA PRO B 126 -25.63 34.50 18.01
C PRO B 126 -25.17 33.52 16.91
N PRO B 127 -25.40 32.19 17.10
CA PRO B 127 -25.03 31.23 16.05
C PRO B 127 -25.61 31.56 14.66
N GLU B 128 -26.77 32.20 14.61
CA GLU B 128 -27.42 32.51 13.31
C GLU B 128 -26.70 33.63 12.56
N ARG B 129 -26.08 34.53 13.31
CA ARG B 129 -25.19 35.52 12.70
C ARG B 129 -23.97 34.84 12.05
N VAL B 130 -23.39 33.89 12.76
CA VAL B 130 -22.21 33.17 12.27
C VAL B 130 -22.56 32.45 10.95
N THR B 131 -23.66 31.69 10.95
CA THR B 131 -24.22 31.08 9.74
C THR B 131 -24.36 32.13 8.64
N GLU B 132 -24.85 33.31 9.02
CA GLU B 132 -25.01 34.43 8.08
C GLU B 132 -23.70 34.93 7.49
N LYS B 133 -22.70 35.15 8.34
CA LYS B 133 -21.39 35.62 7.89
C LYS B 133 -20.65 34.60 7.01
N ILE B 134 -20.84 33.29 7.23
CA ILE B 134 -20.22 32.26 6.40
C ILE B 134 -20.89 32.33 5.03
N SER B 135 -22.21 32.30 5.06
CA SER B 135 -22.98 32.42 3.84
C SER B 135 -22.60 33.69 3.01
N GLU B 136 -22.34 34.82 3.65
CA GLU B 136 -22.01 36.06 2.93
C GLU B 136 -20.63 36.01 2.28
N ILE B 137 -19.66 35.47 3.01
CA ILE B 137 -18.31 35.37 2.46
C ILE B 137 -18.25 34.33 1.31
N VAL B 138 -18.98 33.23 1.45
CA VAL B 138 -19.14 32.28 0.36
C VAL B 138 -19.70 32.91 -0.91
N ASP B 139 -20.78 33.66 -0.75
CA ASP B 139 -21.40 34.37 -1.88
C ASP B 139 -20.42 35.30 -2.60
N LYS B 140 -19.64 36.02 -1.81
CA LYS B 140 -18.66 36.96 -2.37
C LYS B 140 -17.57 36.20 -3.13
N ALA B 141 -17.05 35.15 -2.53
CA ALA B 141 -16.01 34.34 -3.19
C ALA B 141 -16.54 33.72 -4.48
N TYR B 142 -17.75 33.17 -4.41
CA TYR B 142 -18.38 32.62 -5.61
C TYR B 142 -18.60 33.66 -6.67
N ARG B 143 -19.11 34.84 -6.31
CA ARG B 143 -19.32 35.85 -7.32
C ARG B 143 -18.01 36.29 -7.98
N THR B 144 -16.93 36.37 -7.19
CA THR B 144 -15.61 36.73 -7.71
C THR B 144 -15.08 35.68 -8.69
N TYR B 145 -15.23 34.43 -8.31
CA TYR B 145 -14.91 33.30 -9.17
C TYR B 145 -15.65 33.42 -10.51
N LEU B 146 -16.93 33.76 -10.46
CA LEU B 146 -17.72 33.86 -11.71
C LEU B 146 -17.28 35.03 -12.56
N GLU B 147 -16.92 36.14 -11.94
CA GLU B 147 -16.36 37.27 -12.65
C GLU B 147 -15.08 36.85 -13.38
N LEU B 148 -14.20 36.15 -12.68
CA LEU B 148 -12.95 35.75 -13.26
C LEU B 148 -13.19 34.83 -14.46
N ILE B 149 -14.04 33.81 -14.32
CA ILE B 149 -14.36 32.91 -15.43
C ILE B 149 -14.92 33.66 -16.64
N GLU B 150 -15.83 34.59 -16.39
CA GLU B 150 -16.43 35.41 -17.43
C GLU B 150 -15.36 36.21 -18.16
N SER B 151 -14.28 36.55 -17.45
CA SER B 151 -13.24 37.43 -17.97
C SER B 151 -12.19 36.71 -18.80
N GLY B 152 -12.26 35.38 -18.88
CA GLY B 152 -11.29 34.60 -19.63
C GLY B 152 -10.28 33.85 -18.79
N VAL B 153 -10.35 34.00 -17.47
CA VAL B 153 -9.47 33.24 -16.57
C VAL B 153 -9.87 31.77 -16.53
N PRO B 154 -8.94 30.86 -16.86
CA PRO B 154 -9.28 29.46 -16.82
C PRO B 154 -9.77 29.02 -15.46
N ARG B 155 -10.62 28.01 -15.46
CA ARG B 155 -11.23 27.52 -14.27
C ARG B 155 -10.18 27.06 -13.26
N ARG B 156 -9.09 26.48 -13.74
CA ARG B 156 -8.08 25.87 -12.87
C ARG B 156 -7.28 26.94 -12.11
N VAL B 157 -7.28 28.15 -12.61
CA VAL B 157 -6.71 29.26 -11.87
C VAL B 157 -7.76 29.99 -11.06
N ALA B 158 -8.93 30.26 -11.64
CA ALA B 158 -9.95 31.03 -10.95
C ALA B 158 -10.46 30.35 -9.69
N ARG B 159 -10.47 29.02 -9.69
CA ARG B 159 -11.12 28.25 -8.64
C ARG B 159 -10.36 28.37 -7.28
N ILE B 160 -9.14 28.89 -7.32
CA ILE B 160 -8.29 28.91 -6.13
C ILE B 160 -8.83 29.94 -5.12
N VAL B 161 -9.71 30.83 -5.55
CA VAL B 161 -10.43 31.71 -4.62
C VAL B 161 -11.61 31.06 -3.91
N LEU B 162 -12.06 29.89 -4.34
CA LEU B 162 -13.21 29.26 -3.73
C LEU B 162 -12.87 28.69 -2.38
N PRO B 163 -13.82 28.73 -1.45
CA PRO B 163 -13.59 28.32 -0.08
C PRO B 163 -13.64 26.81 0.10
N LEU B 164 -13.04 26.35 1.21
CA LEU B 164 -12.89 24.93 1.56
C LEU B 164 -14.21 24.18 1.80
N ASN B 165 -15.31 24.92 1.95
CA ASN B 165 -16.67 24.33 2.07
C ASN B 165 -17.38 24.07 0.76
N LEU B 166 -16.69 24.28 -0.37
CA LEU B 166 -17.17 23.83 -1.69
C LEU B 166 -17.32 22.32 -1.71
N TYR B 167 -18.44 21.87 -2.23
CA TYR B 167 -18.66 20.45 -2.41
C TYR B 167 -17.93 19.88 -3.63
N THR B 168 -17.39 18.69 -3.40
CA THR B 168 -16.80 17.87 -4.45
C THR B 168 -17.47 16.50 -4.40
N ARG B 169 -17.20 15.68 -5.42
CA ARG B 169 -17.70 14.32 -5.52
C ARG B 169 -16.54 13.38 -5.88
N PHE B 170 -16.62 12.17 -5.39
CA PHE B 170 -15.58 11.16 -5.67
C PHE B 170 -16.14 9.75 -5.54
N PHE B 171 -15.53 8.82 -6.28
CA PHE B 171 -15.75 7.37 -6.08
C PHE B 171 -14.67 6.87 -5.14
N TRP B 172 -15.05 6.01 -4.18
CA TRP B 172 -14.17 5.42 -3.20
C TRP B 172 -14.37 3.91 -3.25
N THR B 173 -13.35 3.17 -3.62
CA THR B 173 -13.37 1.70 -3.52
C THR B 173 -12.45 1.30 -2.38
N VAL B 174 -13.00 0.49 -1.48
CA VAL B 174 -12.33 0.18 -0.22
C VAL B 174 -12.82 -1.19 0.29
N ASN B 175 -11.90 -1.96 0.85
CA ASN B 175 -12.23 -3.27 1.34
C ASN B 175 -12.65 -3.12 2.80
N ALA B 176 -13.24 -4.15 3.35
CA ALA B 176 -13.89 -4.02 4.67
C ALA B 176 -12.87 -3.82 5.77
N ARG B 177 -11.65 -4.34 5.59
CA ARG B 177 -10.63 -4.18 6.62
C ARG B 177 -10.26 -2.69 6.73
N SER B 178 -9.99 -2.09 5.58
CA SER B 178 -9.67 -0.68 5.49
C SER B 178 -10.84 0.20 5.91
N LEU B 179 -12.07 -0.21 5.59
CA LEU B 179 -13.28 0.50 6.00
C LEU B 179 -13.34 0.49 7.51
N MET B 180 -13.04 -0.66 8.11
CA MET B 180 -13.01 -0.69 9.59
C MET B 180 -11.96 0.25 10.21
N ASN B 181 -10.81 0.37 9.58
N ASN B 181 -10.79 0.33 9.57
CA ASN B 181 -9.80 1.31 10.07
CA ASN B 181 -9.74 1.24 10.02
C ASN B 181 -10.30 2.74 9.93
C ASN B 181 -10.25 2.71 9.90
N PHE B 182 -10.96 3.02 8.81
CA PHE B 182 -11.58 4.35 8.60
C PHE B 182 -12.64 4.69 9.69
N LEU B 183 -13.49 3.74 10.01
CA LEU B 183 -14.47 3.91 11.09
C LEU B 183 -13.80 4.10 12.47
N ASN B 184 -12.70 3.39 12.72
CA ASN B 184 -11.92 3.58 13.94
C ASN B 184 -11.48 5.01 14.12
N LEU B 185 -11.12 5.65 13.03
CA LEU B 185 -10.56 7.01 13.14
C LEU B 185 -11.65 8.08 12.98
N ARG B 186 -12.64 7.83 12.13
CA ARG B 186 -13.59 8.94 11.76
C ARG B 186 -14.95 8.84 12.51
N ALA B 187 -15.31 7.64 12.93
CA ALA B 187 -16.51 7.40 13.76
C ALA B 187 -16.10 7.48 15.21
N ASP B 188 -15.80 8.71 15.63
CA ASP B 188 -15.22 8.97 16.91
C ASP B 188 -15.42 10.45 17.17
N SER B 189 -15.75 10.74 18.42
CA SER B 189 -16.02 12.08 18.85
C SER B 189 -14.82 13.04 18.77
N HIS B 190 -13.61 12.54 18.57
CA HIS B 190 -12.47 13.48 18.48
C HIS B 190 -12.29 13.94 17.03
N ALA B 191 -12.92 13.24 16.12
CA ALA B 191 -12.92 13.63 14.70
C ALA B 191 -13.83 14.84 14.52
N GLN B 192 -13.61 15.60 13.46
CA GLN B 192 -14.50 16.70 13.15
C GLN B 192 -15.95 16.24 12.98
N TRP B 193 -16.92 17.00 13.51
CA TRP B 193 -18.33 16.53 13.48
C TRP B 193 -18.80 16.23 12.07
N GLU B 194 -18.38 17.03 11.11
CA GLU B 194 -18.82 16.79 9.75
C GLU B 194 -18.38 15.44 9.20
N ILE B 195 -17.14 15.02 9.47
CA ILE B 195 -16.71 13.70 8.96
C ILE B 195 -17.29 12.54 9.79
N GLN B 196 -17.54 12.76 11.06
CA GLN B 196 -18.33 11.80 11.87
C GLN B 196 -19.67 11.46 11.18
N GLN B 197 -20.31 12.49 10.65
CA GLN B 197 -21.63 12.31 10.00
C GLN B 197 -21.47 11.41 8.80
N TYR B 198 -20.41 11.65 8.03
CA TYR B 198 -20.14 10.80 6.89
C TYR B 198 -19.80 9.37 7.32
N ALA B 199 -18.98 9.23 8.37
CA ALA B 199 -18.64 7.90 8.87
C ALA B 199 -19.87 7.15 9.38
N LEU B 200 -20.85 7.86 9.98
CA LEU B 200 -22.06 7.15 10.43
C LEU B 200 -22.84 6.51 9.28
N ALA B 201 -22.87 7.20 8.16
CA ALA B 201 -23.55 6.73 6.90
C ALA B 201 -22.80 5.57 6.27
N ILE B 202 -21.48 5.66 6.24
CA ILE B 202 -20.64 4.56 5.77
C ILE B 202 -20.91 3.33 6.65
N ALA B 203 -20.95 3.55 7.96
CA ALA B 203 -21.25 2.45 8.92
C ALA B 203 -22.61 1.83 8.68
N ARG B 204 -23.64 2.64 8.42
CA ARG B 204 -24.98 2.15 8.16
C ARG B 204 -24.97 1.22 6.98
N ILE B 205 -24.27 1.62 5.93
CA ILE B 205 -24.25 0.81 4.71
C ILE B 205 -23.45 -0.47 4.96
N PHE B 206 -22.32 -0.35 5.65
CA PHE B 206 -21.48 -1.51 6.00
C PHE B 206 -22.34 -2.53 6.76
N LYS B 207 -23.09 -2.05 7.73
CA LYS B 207 -23.92 -2.90 8.59
C LYS B 207 -25.01 -3.63 7.84
N GLU B 208 -25.58 -2.96 6.85
CA GLU B 208 -26.64 -3.56 6.02
C GLU B 208 -26.14 -4.72 5.14
N LYS B 209 -24.96 -4.54 4.57
CA LYS B 209 -24.39 -5.54 3.67
C LYS B 209 -23.62 -6.64 4.43
N CYS B 210 -22.97 -6.26 5.55
CA CYS B 210 -22.18 -7.16 6.35
C CYS B 210 -22.56 -7.10 7.84
N PRO B 211 -23.78 -7.52 8.18
CA PRO B 211 -24.22 -7.39 9.59
C PRO B 211 -23.35 -8.19 10.57
N TRP B 212 -22.88 -9.37 10.18
CA TRP B 212 -22.15 -10.18 11.17
C TRP B 212 -20.75 -9.57 11.41
N THR B 213 -20.11 -9.12 10.34
CA THR B 213 -18.81 -8.49 10.46
C THR B 213 -18.90 -7.21 11.28
N PHE B 214 -19.94 -6.44 11.01
CA PHE B 214 -20.11 -5.14 11.67
C PHE B 214 -20.28 -5.36 13.18
N GLU B 215 -21.13 -6.32 13.53
CA GLU B 215 -21.44 -6.58 14.97
C GLU B 215 -20.18 -7.11 15.66
N ALA B 216 -19.45 -8.00 15.02
CA ALA B 216 -18.16 -8.46 15.49
C ALA B 216 -17.09 -7.34 15.66
N PHE B 217 -16.99 -6.45 14.68
CA PHE B 217 -16.16 -5.25 14.74
C PHE B 217 -16.49 -4.42 15.97
N LEU B 218 -17.76 -4.14 16.21
CA LEU B 218 -18.12 -3.33 17.39
C LEU B 218 -17.72 -3.97 18.70
N LYS B 219 -17.87 -5.31 18.80
CA LYS B 219 -17.62 -6.08 20.03
C LYS B 219 -16.11 -6.26 20.36
N TYR B 220 -15.31 -6.56 19.34
CA TYR B 220 -13.88 -6.90 19.51
C TYR B 220 -12.82 -5.91 19.00
N ALA B 221 -13.17 -5.00 18.10
CA ALA B 221 -12.10 -4.28 17.39
C ALA B 221 -12.25 -2.77 17.28
N TYR B 222 -13.48 -2.26 17.36
CA TYR B 222 -13.71 -0.85 17.16
C TYR B 222 -13.14 -0.06 18.34
N LYS B 223 -12.31 0.94 18.02
CA LYS B 223 -11.62 1.76 19.04
C LYS B 223 -12.36 3.08 19.34
N GLY B 224 -13.34 3.42 18.52
CA GLY B 224 -14.07 4.69 18.66
C GLY B 224 -15.15 4.64 19.71
N ASP B 225 -15.93 5.71 19.82
CA ASP B 225 -17.01 5.76 20.80
C ASP B 225 -18.40 5.77 20.15
N ILE B 226 -18.60 6.56 19.13
CA ILE B 226 -19.95 6.90 18.69
C ILE B 226 -20.79 5.74 18.17
N LEU B 227 -20.18 4.78 17.46
CA LEU B 227 -20.97 3.65 16.97
C LEU B 227 -21.51 2.72 18.09
N LYS B 228 -20.99 2.87 19.30
CA LYS B 228 -21.50 2.08 20.44
C LYS B 228 -22.68 2.75 21.13
N GLU B 229 -22.94 4.01 20.79
CA GLU B 229 -24.02 4.75 21.43
C GLU B 229 -25.14 5.05 20.45
N VAL B 230 -24.78 5.30 19.20
CA VAL B 230 -25.67 5.74 18.12
C VAL B 230 -26.04 4.56 17.21
N GLN B 231 -27.32 4.23 17.11
CA GLN B 231 -27.77 3.09 16.30
C GLN B 231 -27.60 3.31 14.79
N VAL B 232 -27.04 2.28 14.15
CA VAL B 232 -26.72 2.10 12.72
C VAL B 232 -25.41 2.70 12.29
N MET C 13 19.41 21.87 1.78
CA MET C 13 18.85 22.13 0.43
C MET C 13 17.40 22.60 0.59
N LYS C 14 17.17 23.88 0.34
CA LYS C 14 15.82 24.43 0.35
C LYS C 14 15.65 25.25 -0.90
N ILE C 15 14.54 25.04 -1.60
CA ILE C 15 14.22 25.72 -2.84
C ILE C 15 12.88 26.45 -2.72
N ASP C 16 12.87 27.77 -2.93
CA ASP C 16 11.64 28.54 -2.91
C ASP C 16 10.85 28.21 -4.16
N ILE C 17 9.54 28.16 -4.01
CA ILE C 17 8.61 27.82 -5.06
C ILE C 17 7.36 28.73 -4.92
N LEU C 18 6.88 29.25 -6.05
CA LEU C 18 5.75 30.18 -6.07
C LEU C 18 6.12 31.43 -5.25
N ASP C 19 5.15 32.07 -4.60
CA ASP C 19 5.42 33.33 -3.93
C ASP C 19 5.88 33.12 -2.47
N LYS C 20 5.41 32.07 -1.80
CA LYS C 20 5.78 31.84 -0.38
C LYS C 20 6.09 30.39 -0.07
N GLY C 21 6.14 29.57 -1.12
CA GLY C 21 6.27 28.13 -0.97
C GLY C 21 7.72 27.71 -0.91
N PHE C 22 7.94 26.43 -0.56
CA PHE C 22 9.26 25.83 -0.63
C PHE C 22 9.18 24.30 -0.63
N VAL C 23 10.33 23.71 -0.93
CA VAL C 23 10.61 22.30 -0.73
C VAL C 23 11.96 22.29 -0.07
N GLU C 24 12.06 21.62 1.07
CA GLU C 24 13.26 21.56 1.88
C GLU C 24 13.54 20.05 2.04
N LEU C 25 14.79 19.61 1.90
CA LEU C 25 15.17 18.22 2.20
C LEU C 25 15.44 18.11 3.70
N VAL C 26 14.73 17.22 4.38
CA VAL C 26 14.95 16.97 5.80
C VAL C 26 15.98 15.86 6.01
N ASP C 27 15.86 14.77 5.27
CA ASP C 27 16.72 13.62 5.47
C ASP C 27 16.68 12.72 4.25
N VAL C 28 17.70 11.88 4.17
CA VAL C 28 17.82 10.91 3.08
C VAL C 28 18.52 9.67 3.61
N MET C 29 18.01 8.51 3.19
CA MET C 29 18.63 7.23 3.52
C MET C 29 19.14 6.71 2.19
N GLY C 30 20.45 6.61 2.11
CA GLY C 30 21.05 5.96 1.01
C GLY C 30 21.40 6.89 -0.12
N ASN C 31 21.87 6.25 -1.17
CA ASN C 31 22.32 6.91 -2.37
C ASN C 31 22.18 5.92 -3.50
N ASP C 32 22.77 6.16 -4.67
CA ASP C 32 22.67 5.21 -5.77
C ASP C 32 23.13 3.78 -5.41
N LEU C 33 24.19 3.69 -4.62
CA LEU C 33 24.74 2.38 -4.23
C LEU C 33 23.82 1.56 -3.31
N SER C 34 22.84 2.21 -2.69
CA SER C 34 21.82 1.49 -1.91
C SER C 34 20.94 0.57 -2.82
N ALA C 35 20.67 1.04 -4.02
CA ALA C 35 19.91 0.28 -4.98
C ALA C 35 20.78 -0.87 -5.48
N VAL C 36 22.06 -0.62 -5.71
CA VAL C 36 22.99 -1.65 -6.18
C VAL C 36 23.18 -2.78 -5.13
N ARG C 37 23.40 -2.40 -3.87
CA ARG C 37 23.48 -3.39 -2.78
C ARG C 37 22.18 -4.21 -2.60
N ALA C 38 21.05 -3.54 -2.70
CA ALA C 38 19.77 -4.24 -2.60
C ALA C 38 19.61 -5.24 -3.74
N ALA C 39 19.92 -4.86 -4.98
CA ALA C 39 19.82 -5.78 -6.11
C ALA C 39 20.67 -7.03 -5.94
N ARG C 40 21.89 -6.87 -5.45
CA ARG C 40 22.79 -7.95 -5.18
C ARG C 40 22.60 -8.61 -3.83
N VAL C 41 21.80 -8.01 -2.95
CA VAL C 41 21.57 -8.51 -1.60
C VAL C 41 22.95 -8.73 -0.97
N SER C 42 23.75 -7.67 -0.95
CA SER C 42 25.07 -7.77 -0.35
C SER C 42 25.37 -6.44 0.34
N PHE C 43 25.71 -6.54 1.60
CA PHE C 43 26.16 -5.44 2.41
C PHE C 43 27.68 -5.66 2.48
N ASP C 44 28.39 -5.22 1.44
CA ASP C 44 29.74 -5.75 1.17
C ASP C 44 30.78 -4.66 1.21
N LYS C 48 33.27 -2.06 -4.27
CA LYS C 48 32.79 -0.94 -5.07
C LYS C 48 33.60 -0.80 -6.40
N ASP C 49 32.86 -0.60 -7.50
CA ASP C 49 33.45 -0.55 -8.84
C ASP C 49 32.51 0.35 -9.63
N GLU C 50 32.89 1.62 -9.76
CA GLU C 50 31.97 2.62 -10.28
C GLU C 50 31.31 2.25 -11.62
N GLU C 51 32.10 1.81 -12.60
CA GLU C 51 31.59 1.50 -13.94
C GLU C 51 30.60 0.33 -13.87
N ARG C 52 30.95 -0.70 -13.13
CA ARG C 52 30.07 -1.85 -12.95
C ARG C 52 28.78 -1.45 -12.19
N ASP C 53 28.87 -0.60 -11.17
CA ASP C 53 27.72 -0.20 -10.38
C ASP C 53 26.77 0.70 -11.20
N ARG C 54 27.34 1.61 -11.95
CA ARG C 54 26.54 2.44 -12.83
C ARG C 54 25.83 1.60 -13.94
N HIS C 55 26.56 0.64 -14.50
CA HIS C 55 26.01 -0.28 -15.49
C HIS C 55 24.79 -1.03 -14.93
N LEU C 56 24.94 -1.53 -13.71
CA LEU C 56 23.83 -2.19 -13.04
C LEU C 56 22.60 -1.27 -12.84
N ILE C 57 22.80 -0.03 -12.41
CA ILE C 57 21.69 0.89 -12.26
C ILE C 57 20.93 1.08 -13.60
N GLU C 58 21.69 1.29 -14.69
CA GLU C 58 21.11 1.38 -16.02
C GLU C 58 20.37 0.10 -16.44
N TYR C 59 20.99 -1.04 -16.19
CA TYR C 59 20.35 -2.29 -16.51
C TYR C 59 19.00 -2.48 -15.79
N LEU C 60 19.00 -2.26 -14.48
CA LEU C 60 17.82 -2.34 -13.67
C LEU C 60 16.71 -1.48 -14.25
N MET C 61 17.02 -0.23 -14.54
CA MET C 61 16.04 0.74 -15.05
C MET C 61 15.52 0.39 -16.43
N LYS C 62 16.42 -0.01 -17.32
CA LYS C 62 16.08 -0.44 -18.68
C LYS C 62 15.17 -1.67 -18.72
N HIS C 63 15.37 -2.61 -17.80
CA HIS C 63 14.61 -3.87 -17.82
C HIS C 63 13.45 -3.94 -16.80
N GLY C 64 13.16 -2.81 -16.17
CA GLY C 64 12.02 -2.68 -15.28
C GLY C 64 12.14 -3.39 -13.95
N HIS C 65 13.36 -3.62 -13.45
CA HIS C 65 13.52 -4.22 -12.12
C HIS C 65 13.62 -3.01 -11.21
N GLU C 66 12.46 -2.54 -10.72
CA GLU C 66 12.35 -1.29 -10.02
C GLU C 66 12.40 -1.40 -8.49
N THR C 67 12.20 -2.60 -7.96
CA THR C 67 12.22 -2.77 -6.53
C THR C 67 13.53 -2.31 -5.83
N PRO C 68 14.71 -2.41 -6.47
CA PRO C 68 15.90 -1.96 -5.72
C PRO C 68 15.90 -0.48 -5.33
N PHE C 69 15.27 0.34 -6.18
CA PHE C 69 15.15 1.78 -5.93
C PHE C 69 14.25 2.10 -4.75
N GLU C 70 13.51 1.12 -4.26
CA GLU C 70 12.68 1.34 -3.08
C GLU C 70 13.49 1.48 -1.80
N HIS C 71 14.77 1.14 -1.87
CA HIS C 71 15.64 1.13 -0.69
C HIS C 71 16.42 2.46 -0.53
N ILE C 72 16.10 3.42 -1.37
CA ILE C 72 16.54 4.80 -1.24
C ILE C 72 15.31 5.59 -0.80
N VAL C 73 15.43 6.34 0.28
CA VAL C 73 14.27 7.02 0.89
C VAL C 73 14.61 8.48 1.21
N PHE C 74 13.67 9.36 0.95
CA PHE C 74 13.79 10.80 1.21
C PHE C 74 12.72 11.27 2.14
N THR C 75 13.04 12.27 2.96
CA THR C 75 12.04 13.00 3.70
C THR C 75 12.16 14.48 3.31
N PHE C 76 11.06 15.01 2.76
CA PHE C 76 10.94 16.44 2.41
C PHE C 76 9.99 17.17 3.35
N HIS C 77 10.22 18.47 3.47
CA HIS C 77 9.30 19.41 4.17
C HIS C 77 8.79 20.34 3.06
N VAL C 78 7.51 20.26 2.75
CA VAL C 78 6.90 21.01 1.63
C VAL C 78 5.91 22.05 2.16
N LYS C 79 6.00 23.26 1.60
CA LYS C 79 5.00 24.31 1.90
C LYS C 79 4.35 24.66 0.60
N ALA C 80 3.05 24.37 0.52
CA ALA C 80 2.37 24.50 -0.74
C ALA C 80 0.91 24.89 -0.49
N PRO C 81 0.27 25.52 -1.48
CA PRO C 81 -1.17 25.81 -1.31
C PRO C 81 -1.99 24.53 -1.31
N ILE C 82 -3.12 24.59 -0.64
CA ILE C 82 -4.01 23.46 -0.50
C ILE C 82 -4.38 22.86 -1.83
N PHE C 83 -4.65 23.66 -2.86
CA PHE C 83 -5.09 23.07 -4.14
C PHE C 83 -3.98 22.23 -4.79
N VAL C 84 -2.73 22.54 -4.42
CA VAL C 84 -1.53 21.76 -4.91
C VAL C 84 -1.36 20.53 -4.03
N ALA C 85 -1.44 20.71 -2.71
CA ALA C 85 -1.37 19.60 -1.75
C ALA C 85 -2.38 18.49 -2.02
N ARG C 86 -3.61 18.86 -2.39
CA ARG C 86 -4.68 17.88 -2.67
C ARG C 86 -4.32 16.99 -3.84
N GLN C 87 -3.69 17.57 -4.87
CA GLN C 87 -3.18 16.76 -5.98
C GLN C 87 -2.02 15.89 -5.45
N TRP C 88 -1.15 16.48 -4.64
CA TRP C 88 0.04 15.77 -4.16
C TRP C 88 -0.30 14.55 -3.36
N PHE C 89 -1.32 14.67 -2.48
CA PHE C 89 -1.73 13.68 -1.51
C PHE C 89 -2.46 12.53 -2.19
N ARG C 90 -2.74 12.66 -3.48
CA ARG C 90 -3.25 11.55 -4.22
C ARG C 90 -2.26 10.41 -4.43
N HIS C 91 -0.97 10.71 -4.25
CA HIS C 91 0.11 9.74 -4.35
C HIS C 91 0.17 8.96 -3.02
N ARG C 92 -0.43 7.82 -3.05
CA ARG C 92 -0.68 7.01 -1.83
C ARG C 92 0.51 6.21 -1.29
N ILE C 93 1.46 5.87 -2.16
CA ILE C 93 2.65 5.06 -1.75
C ILE C 93 3.73 6.00 -1.25
N ALA C 94 3.48 6.49 -0.04
CA ALA C 94 4.27 7.55 0.61
C ALA C 94 3.66 7.81 2.00
N SER C 95 4.37 8.58 2.80
CA SER C 95 3.90 8.93 4.19
C SER C 95 3.83 10.47 4.27
N TYR C 96 2.80 10.98 4.93
CA TYR C 96 2.51 12.41 5.00
C TYR C 96 2.18 12.73 6.40
N ASN C 97 2.65 13.87 6.88
CA ASN C 97 2.05 14.46 8.07
C ASN C 97 1.88 15.90 7.78
N GLU C 98 0.64 16.37 7.90
CA GLU C 98 0.31 17.74 7.61
C GLU C 98 0.21 18.55 8.91
N LEU C 99 0.59 19.82 8.81
CA LEU C 99 0.57 20.72 9.94
C LEU C 99 -0.89 20.82 10.41
N SER C 100 -1.12 20.70 11.70
CA SER C 100 -2.41 20.95 12.30
C SER C 100 -2.19 21.78 13.57
N GLY C 101 -3.19 22.57 13.95
CA GLY C 101 -3.08 23.38 15.18
C GLY C 101 -2.78 22.66 16.50
N ARG C 102 -3.03 21.36 16.55
CA ARG C 102 -2.78 20.53 17.74
C ARG C 102 -1.31 20.48 18.22
N TYR C 103 -0.35 20.45 17.31
CA TYR C 103 1.08 20.35 17.72
C TYR C 103 1.95 21.55 17.44
N SER C 104 1.45 22.44 16.61
CA SER C 104 2.27 23.46 15.96
C SER C 104 1.50 24.76 15.85
N LYS C 105 2.24 25.86 15.81
CA LYS C 105 1.63 27.17 15.69
C LYS C 105 1.16 27.32 14.25
N LEU C 106 -0.04 27.87 14.04
CA LEU C 106 -0.54 28.04 12.65
C LEU C 106 -0.21 29.44 12.07
N SER C 107 0.14 29.54 10.80
CA SER C 107 0.25 30.86 10.17
C SER C 107 -0.54 30.84 8.88
N TYR C 108 -0.95 32.01 8.40
CA TYR C 108 -1.95 32.11 7.33
C TYR C 108 -1.42 32.96 6.20
N GLU C 109 -0.97 32.30 5.15
CA GLU C 109 -0.48 32.95 3.97
C GLU C 109 -1.15 32.35 2.74
N PHE C 110 -1.15 33.09 1.64
CA PHE C 110 -1.97 32.72 0.52
C PHE C 110 -1.17 32.89 -0.78
N TYR C 111 -1.43 32.03 -1.74
CA TYR C 111 -0.79 32.07 -3.02
C TYR C 111 -1.58 33.00 -3.94
N ILE C 112 -0.92 34.10 -4.32
CA ILE C 112 -1.49 35.05 -5.26
C ILE C 112 -0.69 35.01 -6.57
N PRO C 113 -1.29 34.49 -7.64
CA PRO C 113 -0.63 34.40 -8.95
C PRO C 113 -0.19 35.75 -9.42
N SER C 114 1.03 35.85 -9.93
CA SER C 114 1.47 37.06 -10.56
C SER C 114 0.75 37.30 -11.92
N PRO C 115 0.75 38.55 -12.39
CA PRO C 115 0.18 38.84 -13.71
C PRO C 115 0.78 38.01 -14.85
N GLU C 116 2.06 37.68 -14.74
CA GLU C 116 2.77 36.98 -15.82
C GLU C 116 2.36 35.52 -15.89
N ARG C 117 1.80 35.03 -14.79
CA ARG C 117 1.17 33.71 -14.73
C ARG C 117 -0.08 33.64 -15.61
N LEU C 118 -0.66 34.82 -15.86
CA LEU C 118 -2.02 34.98 -16.39
C LEU C 118 -2.05 35.58 -17.80
N GLU C 119 -1.02 36.34 -18.17
CA GLU C 119 -0.88 36.80 -19.56
C GLU C 119 -0.52 35.58 -20.41
N GLY C 120 -1.06 35.51 -21.62
CA GLY C 120 -1.07 34.24 -22.36
C GLY C 120 -2.51 33.79 -22.49
N TYR C 121 -3.24 33.84 -21.38
CA TYR C 121 -4.69 33.70 -21.44
C TYR C 121 -5.30 34.98 -21.98
N LYS C 122 -6.12 34.85 -23.00
CA LYS C 122 -6.81 36.00 -23.55
C LYS C 122 -7.96 36.31 -22.59
N THR C 123 -7.80 37.38 -21.82
CA THR C 123 -8.82 37.78 -20.85
C THR C 123 -9.37 39.16 -21.18
N THR C 124 -10.50 39.51 -20.59
CA THR C 124 -11.17 40.78 -20.93
C THR C 124 -10.74 41.95 -20.04
N ILE C 125 -10.02 41.65 -18.98
CA ILE C 125 -9.35 42.66 -18.15
C ILE C 125 -7.86 42.35 -18.07
N PRO C 126 -7.05 43.39 -17.80
CA PRO C 126 -5.61 43.21 -17.70
C PRO C 126 -5.25 42.15 -16.70
N PRO C 127 -4.17 41.41 -16.98
CA PRO C 127 -3.78 40.42 -15.98
C PRO C 127 -3.57 40.98 -14.55
N GLU C 128 -3.13 42.24 -14.40
CA GLU C 128 -2.90 42.79 -13.03
C GLU C 128 -4.18 42.96 -12.26
N ARG C 129 -5.26 43.23 -12.98
CA ARG C 129 -6.60 43.35 -12.38
C ARG C 129 -7.10 42.02 -11.88
N VAL C 130 -6.72 40.94 -12.56
CA VAL C 130 -6.99 39.61 -12.03
C VAL C 130 -6.29 39.37 -10.70
N THR C 131 -4.97 39.60 -10.70
CA THR C 131 -4.20 39.52 -9.47
C THR C 131 -4.84 40.36 -8.32
N GLU C 132 -5.28 41.58 -8.63
CA GLU C 132 -5.87 42.48 -7.63
C GLU C 132 -7.19 41.93 -7.11
N LYS C 133 -8.00 41.36 -8.01
CA LYS C 133 -9.26 40.76 -7.59
C LYS C 133 -9.07 39.54 -6.71
N ILE C 134 -8.04 38.71 -7.00
CA ILE C 134 -7.76 37.56 -6.18
C ILE C 134 -7.24 38.00 -4.83
N SER C 135 -6.37 39.00 -4.83
CA SER C 135 -5.84 39.48 -3.56
C SER C 135 -6.98 40.07 -2.70
N GLU C 136 -7.89 40.79 -3.33
CA GLU C 136 -9.05 41.37 -2.64
C GLU C 136 -9.90 40.34 -1.92
N ILE C 137 -10.33 39.32 -2.65
CA ILE C 137 -11.24 38.32 -2.08
C ILE C 137 -10.56 37.45 -1.01
N VAL C 138 -9.29 37.16 -1.19
CA VAL C 138 -8.48 36.49 -0.16
C VAL C 138 -8.43 37.32 1.12
N ASP C 139 -8.16 38.62 0.99
CA ASP C 139 -8.13 39.56 2.11
C ASP C 139 -9.46 39.57 2.88
N LYS C 140 -10.58 39.56 2.13
CA LYS C 140 -11.90 39.57 2.76
C LYS C 140 -12.20 38.24 3.48
N ALA C 141 -11.86 37.12 2.83
CA ALA C 141 -12.12 35.81 3.42
C ALA C 141 -11.30 35.65 4.72
N TYR C 142 -10.04 36.07 4.68
CA TYR C 142 -9.17 35.97 5.88
C TYR C 142 -9.70 36.83 7.02
N ARG C 143 -10.09 38.06 6.71
CA ARG C 143 -10.71 38.96 7.70
C ARG C 143 -11.95 38.35 8.35
N THR C 144 -12.81 37.71 7.53
CA THR C 144 -13.97 37.02 8.06
C THR C 144 -13.61 35.89 9.00
N TYR C 145 -12.64 35.08 8.60
CA TYR C 145 -12.12 34.00 9.42
C TYR C 145 -11.65 34.54 10.78
N LEU C 146 -10.80 35.57 10.77
CA LEU C 146 -10.23 36.10 12.03
C LEU C 146 -11.35 36.62 12.91
N GLU C 147 -12.29 37.31 12.29
CA GLU C 147 -13.50 37.79 12.93
C GLU C 147 -14.33 36.68 13.60
N LEU C 148 -14.50 35.58 12.90
CA LEU C 148 -15.14 34.40 13.47
C LEU C 148 -14.36 33.81 14.67
N ILE C 149 -13.04 33.71 14.55
CA ILE C 149 -12.18 33.19 15.65
C ILE C 149 -12.21 34.11 16.88
N GLU C 150 -12.16 35.42 16.63
CA GLU C 150 -12.27 36.45 17.65
C GLU C 150 -13.54 36.25 18.49
N SER C 151 -14.60 35.74 17.86
CA SER C 151 -15.91 35.59 18.47
C SER C 151 -16.16 34.23 19.13
N GLY C 152 -15.18 33.34 19.13
CA GLY C 152 -15.33 32.05 19.82
C GLY C 152 -15.72 30.89 18.93
N VAL C 153 -15.89 31.15 17.63
CA VAL C 153 -16.06 30.06 16.67
C VAL C 153 -14.77 29.24 16.63
N PRO C 154 -14.87 27.91 16.87
CA PRO C 154 -13.65 27.14 16.85
C PRO C 154 -13.00 27.13 15.47
N ARG C 155 -11.68 26.96 15.45
CA ARG C 155 -10.90 27.11 14.25
C ARG C 155 -11.32 26.09 13.19
N ARG C 156 -11.61 24.85 13.62
CA ARG C 156 -12.15 23.78 12.77
C ARG C 156 -13.39 24.18 11.92
N VAL C 157 -14.25 25.04 12.48
CA VAL C 157 -15.43 25.54 11.79
C VAL C 157 -15.10 26.80 10.98
N ALA C 158 -14.41 27.74 11.61
CA ALA C 158 -14.13 29.02 10.99
C ALA C 158 -13.29 28.89 9.71
N ARG C 159 -12.34 27.95 9.70
CA ARG C 159 -11.43 27.75 8.56
C ARG C 159 -12.16 27.41 7.27
N ILE C 160 -13.43 26.97 7.35
CA ILE C 160 -14.09 26.50 6.13
C ILE C 160 -14.33 27.64 5.08
N VAL C 161 -14.27 28.89 5.52
CA VAL C 161 -14.45 30.03 4.62
C VAL C 161 -13.16 30.35 3.89
N LEU C 162 -12.05 29.73 4.27
CA LEU C 162 -10.76 30.14 3.71
C LEU C 162 -10.58 29.53 2.29
N PRO C 163 -9.91 30.27 1.41
CA PRO C 163 -9.82 29.78 0.03
C PRO C 163 -8.75 28.71 -0.19
N LEU C 164 -8.86 28.02 -1.32
CA LEU C 164 -8.00 26.92 -1.64
C LEU C 164 -6.55 27.29 -1.92
N ASN C 165 -6.24 28.60 -2.00
CA ASN C 165 -4.90 29.04 -2.17
C ASN C 165 -4.17 29.26 -0.84
N LEU C 166 -4.81 28.94 0.30
CA LEU C 166 -4.16 28.93 1.60
C LEU C 166 -2.95 27.98 1.58
N TYR C 167 -1.79 28.44 2.03
CA TYR C 167 -0.64 27.56 2.20
C TYR C 167 -0.78 26.62 3.41
N THR C 168 -0.43 25.38 3.18
CA THR C 168 -0.25 24.42 4.23
C THR C 168 1.21 23.90 4.16
N ARG C 169 1.60 23.12 5.16
CA ARG C 169 2.91 22.46 5.14
C ARG C 169 2.72 21.00 5.51
N PHE C 170 3.64 20.19 5.02
CA PHE C 170 3.70 18.79 5.33
C PHE C 170 5.08 18.20 5.20
N PHE C 171 5.28 17.11 5.92
CA PHE C 171 6.46 16.25 5.74
C PHE C 171 5.96 15.13 4.84
N TRP C 172 6.82 14.76 3.89
CA TRP C 172 6.61 13.69 2.93
C TRP C 172 7.84 12.79 2.91
N THR C 173 7.64 11.54 3.28
CA THR C 173 8.67 10.53 3.19
C THR C 173 8.25 9.58 2.12
N VAL C 174 9.17 9.36 1.18
CA VAL C 174 8.89 8.69 -0.05
C VAL C 174 10.16 8.00 -0.56
N ASN C 175 10.00 6.83 -1.13
CA ASN C 175 11.16 6.10 -1.66
C ASN C 175 11.39 6.51 -3.11
N ALA C 176 12.57 6.20 -3.63
CA ALA C 176 12.91 6.63 -4.98
C ALA C 176 12.02 6.11 -6.07
N ARG C 177 11.52 4.91 -5.93
CA ARG C 177 10.62 4.38 -6.97
C ARG C 177 9.32 5.18 -7.02
N SER C 178 8.74 5.44 -5.85
CA SER C 178 7.47 6.11 -5.80
C SER C 178 7.74 7.62 -6.19
N LEU C 179 8.93 8.15 -5.83
CA LEU C 179 9.32 9.48 -6.27
C LEU C 179 9.40 9.57 -7.80
N MET C 180 9.92 8.54 -8.47
CA MET C 180 9.91 8.50 -9.92
C MET C 180 8.51 8.47 -10.55
N ASN C 181 7.61 7.74 -9.94
CA ASN C 181 6.19 7.77 -10.35
C ASN C 181 5.59 9.19 -10.19
N PHE C 182 5.90 9.87 -9.09
CA PHE C 182 5.44 11.25 -8.86
C PHE C 182 5.95 12.16 -9.99
N LEU C 183 7.21 12.05 -10.32
CA LEU C 183 7.75 12.86 -11.41
C LEU C 183 7.15 12.55 -12.76
N ASN C 184 6.88 11.28 -13.04
CA ASN C 184 6.29 10.93 -14.29
C ASN C 184 4.97 11.67 -14.51
N LEU C 185 4.17 11.76 -13.44
CA LEU C 185 2.83 12.36 -13.47
C LEU C 185 2.83 13.89 -13.29
N ARG C 186 3.70 14.42 -12.44
CA ARG C 186 3.68 15.83 -12.08
C ARG C 186 4.75 16.71 -12.75
N ALA C 187 5.88 16.12 -13.16
CA ALA C 187 6.89 16.85 -13.94
C ALA C 187 6.53 16.68 -15.38
N ASP C 188 5.42 17.30 -15.77
CA ASP C 188 4.80 17.08 -17.06
C ASP C 188 3.90 18.26 -17.39
N SER C 189 3.95 18.68 -18.66
CA SER C 189 3.17 19.82 -19.13
C SER C 189 1.64 19.63 -19.04
N HIS C 190 1.17 18.39 -18.92
CA HIS C 190 -0.27 18.16 -18.64
C HIS C 190 -0.69 18.46 -17.22
N ALA C 191 0.25 18.52 -16.28
CA ALA C 191 -0.08 18.77 -14.91
C ALA C 191 -0.23 20.27 -14.78
N GLN C 192 -0.89 20.67 -13.71
CA GLN C 192 -1.08 22.10 -13.45
C GLN C 192 0.27 22.74 -13.23
N TRP C 193 0.42 23.98 -13.72
CA TRP C 193 1.72 24.65 -13.69
C TRP C 193 2.32 24.71 -12.29
N GLU C 194 1.50 25.02 -11.31
CA GLU C 194 1.97 25.12 -9.97
C GLU C 194 2.63 23.81 -9.49
N ILE C 195 1.98 22.66 -9.69
CA ILE C 195 2.63 21.45 -9.16
C ILE C 195 3.80 21.04 -10.05
N GLN C 196 3.81 21.41 -11.34
CA GLN C 196 5.04 21.22 -12.14
C GLN C 196 6.23 21.89 -11.44
N GLN C 197 6.02 23.10 -10.92
CA GLN C 197 7.13 23.86 -10.29
C GLN C 197 7.69 23.12 -9.05
N TYR C 198 6.79 22.57 -8.23
CA TYR C 198 7.21 21.74 -7.09
C TYR C 198 7.94 20.47 -7.58
N ALA C 199 7.45 19.87 -8.65
CA ALA C 199 8.04 18.61 -9.11
C ALA C 199 9.44 18.86 -9.59
N LEU C 200 9.67 19.99 -10.25
CA LEU C 200 11.02 20.37 -10.71
C LEU C 200 12.02 20.49 -9.56
N ALA C 201 11.55 21.03 -8.46
CA ALA C 201 12.37 21.17 -7.25
C ALA C 201 12.67 19.79 -6.65
N ILE C 202 11.67 18.92 -6.60
CA ILE C 202 11.82 17.57 -6.13
C ILE C 202 12.87 16.85 -7.01
N ALA C 203 12.75 17.04 -8.33
CA ALA C 203 13.68 16.42 -9.30
C ALA C 203 15.12 16.89 -9.01
N ARG C 204 15.29 18.19 -8.74
CA ARG C 204 16.62 18.76 -8.54
C ARG C 204 17.30 18.09 -7.34
N ILE C 205 16.54 17.93 -6.29
CA ILE C 205 17.06 17.33 -5.06
C ILE C 205 17.36 15.81 -5.23
N PHE C 206 16.47 15.12 -5.92
CA PHE C 206 16.68 13.72 -6.27
C PHE C 206 17.97 13.55 -7.12
N LYS C 207 18.13 14.42 -8.12
CA LYS C 207 19.30 14.38 -8.98
C LYS C 207 20.59 14.63 -8.19
N GLU C 208 20.54 15.56 -7.25
CA GLU C 208 21.72 15.88 -6.45
C GLU C 208 22.13 14.67 -5.60
N LYS C 209 21.15 13.94 -5.02
CA LYS C 209 21.45 12.83 -4.13
C LYS C 209 21.67 11.49 -4.81
N CYS C 210 21.02 11.27 -5.96
CA CYS C 210 21.08 9.99 -6.69
C CYS C 210 21.28 10.29 -8.17
N PRO C 211 22.40 10.88 -8.52
CA PRO C 211 22.61 11.32 -9.92
C PRO C 211 22.53 10.16 -10.93
N TRP C 212 23.01 8.97 -10.54
CA TRP C 212 23.03 7.85 -11.49
C TRP C 212 21.61 7.33 -11.73
N THR C 213 20.83 7.14 -10.66
CA THR C 213 19.43 6.72 -10.76
C THR C 213 18.58 7.75 -11.57
N PHE C 214 18.80 9.03 -11.31
CA PHE C 214 18.12 10.10 -12.03
C PHE C 214 18.41 10.11 -13.54
N GLU C 215 19.66 9.95 -13.89
CA GLU C 215 20.05 9.93 -15.29
C GLU C 215 19.51 8.69 -16.02
N ALA C 216 19.51 7.54 -15.35
CA ALA C 216 18.94 6.31 -15.90
C ALA C 216 17.42 6.45 -16.02
N PHE C 217 16.79 7.05 -15.01
CA PHE C 217 15.37 7.33 -15.07
C PHE C 217 14.99 8.14 -16.31
N LEU C 218 15.66 9.26 -16.52
CA LEU C 218 15.44 10.07 -17.71
C LEU C 218 15.64 9.31 -18.99
N LYS C 219 16.63 8.40 -19.04
CA LYS C 219 16.97 7.74 -20.28
C LYS C 219 15.99 6.61 -20.65
N TYR C 220 15.46 5.92 -19.64
CA TYR C 220 14.77 4.65 -19.89
C TYR C 220 13.33 4.57 -19.35
N ALA C 221 13.01 5.41 -18.39
CA ALA C 221 11.77 5.22 -17.64
C ALA C 221 10.84 6.44 -17.63
N TYR C 222 11.39 7.64 -17.73
CA TYR C 222 10.62 8.88 -17.55
C TYR C 222 9.64 9.11 -18.71
N LYS C 223 8.37 9.34 -18.40
CA LYS C 223 7.31 9.40 -19.44
C LYS C 223 6.82 10.83 -19.74
N GLY C 224 7.29 11.82 -19.00
CA GLY C 224 6.84 13.22 -19.12
C GLY C 224 7.70 13.97 -20.09
N ASP C 225 7.50 15.29 -20.20
CA ASP C 225 8.25 16.11 -21.16
C ASP C 225 9.26 17.05 -20.51
N ILE C 226 8.91 17.70 -19.41
CA ILE C 226 9.69 18.84 -18.94
C ILE C 226 11.13 18.54 -18.48
N LEU C 227 11.38 17.41 -17.80
CA LEU C 227 12.73 17.09 -17.36
C LEU C 227 13.72 16.69 -18.48
N LYS C 228 13.23 16.50 -19.70
CA LYS C 228 14.11 16.27 -20.85
C LYS C 228 14.50 17.59 -21.51
N GLU C 229 13.82 18.67 -21.17
CA GLU C 229 14.11 19.97 -21.82
C GLU C 229 14.62 21.03 -20.86
N VAL C 230 14.41 20.83 -19.58
CA VAL C 230 14.77 21.78 -18.57
C VAL C 230 15.81 21.07 -17.73
N GLN C 231 17.01 21.64 -17.69
CA GLN C 231 18.10 21.14 -16.86
C GLN C 231 17.82 21.28 -15.35
N VAL C 232 18.11 20.17 -14.66
CA VAL C 232 18.08 19.92 -13.20
C VAL C 232 16.70 19.49 -12.67
N MET D 13 25.60 -3.54 13.33
CA MET D 13 24.83 -4.45 14.21
C MET D 13 24.35 -5.69 13.47
N LYS D 14 24.78 -6.84 13.99
CA LYS D 14 24.44 -8.14 13.44
C LYS D 14 24.10 -9.10 14.56
N ILE D 15 23.01 -9.85 14.40
CA ILE D 15 22.57 -10.84 15.38
C ILE D 15 22.39 -12.16 14.67
N ASP D 16 23.06 -13.21 15.15
CA ASP D 16 22.90 -14.55 14.60
C ASP D 16 21.60 -15.18 15.08
N ILE D 17 20.92 -15.88 14.19
CA ILE D 17 19.64 -16.45 14.46
C ILE D 17 19.63 -17.88 13.89
N LEU D 18 19.10 -18.82 14.66
CA LEU D 18 18.95 -20.22 14.25
C LEU D 18 20.37 -20.73 14.08
N ASP D 19 20.62 -21.67 13.18
CA ASP D 19 21.97 -22.27 13.15
C ASP D 19 22.93 -21.51 12.22
N LYS D 20 22.43 -20.88 11.16
CA LYS D 20 23.26 -20.15 10.18
C LYS D 20 22.64 -18.82 9.71
N GLY D 21 21.56 -18.39 10.34
CA GLY D 21 20.85 -17.20 9.90
C GLY D 21 21.37 -16.00 10.62
N PHE D 22 20.87 -14.83 10.24
CA PHE D 22 21.19 -13.60 10.90
C PHE D 22 20.23 -12.49 10.50
N VAL D 23 20.29 -11.41 11.27
CA VAL D 23 19.64 -10.13 10.96
C VAL D 23 20.74 -9.14 11.13
N GLU D 24 21.03 -8.39 10.06
CA GLU D 24 21.97 -7.28 10.22
C GLU D 24 21.36 -5.95 9.79
N LEU D 25 21.73 -4.88 10.50
CA LEU D 25 21.27 -3.56 10.16
C LEU D 25 22.14 -2.97 9.03
N VAL D 26 21.52 -2.61 7.91
CA VAL D 26 22.25 -2.05 6.77
C VAL D 26 22.26 -0.51 6.82
N ASP D 27 21.11 0.11 7.09
CA ASP D 27 20.99 1.57 7.14
C ASP D 27 19.75 1.92 7.97
N VAL D 28 19.72 3.15 8.42
CA VAL D 28 18.59 3.69 9.13
C VAL D 28 18.49 5.16 8.77
N MET D 29 17.26 5.63 8.57
CA MET D 29 17.05 7.06 8.43
C MET D 29 16.26 7.51 9.65
N GLY D 30 16.86 8.39 10.41
CA GLY D 30 16.18 8.99 11.52
C GLY D 30 16.38 8.32 12.85
N ASN D 31 15.74 8.86 13.87
CA ASN D 31 15.72 8.29 15.22
C ASN D 31 14.41 8.78 15.84
N ASP D 32 14.30 8.74 17.18
CA ASP D 32 13.05 9.18 17.83
C ASP D 32 12.70 10.62 17.41
N LEU D 33 13.70 11.47 17.22
CA LEU D 33 13.44 12.87 16.92
C LEU D 33 12.85 13.09 15.51
N SER D 34 13.05 12.16 14.59
CA SER D 34 12.40 12.22 13.29
C SER D 34 10.87 12.12 13.39
N ALA D 35 10.34 11.35 14.34
CA ALA D 35 8.86 11.28 14.53
C ALA D 35 8.41 12.62 15.13
N VAL D 36 9.19 13.16 16.05
CA VAL D 36 8.83 14.42 16.72
C VAL D 36 8.78 15.55 15.71
N ARG D 37 9.78 15.62 14.83
CA ARG D 37 9.82 16.68 13.82
C ARG D 37 8.65 16.57 12.84
N ALA D 38 8.35 15.36 12.42
CA ALA D 38 7.21 15.09 11.56
C ALA D 38 5.84 15.48 12.15
N ALA D 39 5.61 15.15 13.43
CA ALA D 39 4.38 15.50 14.11
C ALA D 39 4.21 17.01 14.16
N ARG D 40 5.30 17.70 14.45
CA ARG D 40 5.29 19.15 14.56
C ARG D 40 5.45 19.85 13.20
N VAL D 41 5.77 19.09 12.16
CA VAL D 41 6.08 19.62 10.84
C VAL D 41 7.06 20.76 10.92
N SER D 42 8.22 20.48 11.47
CA SER D 42 9.24 21.51 11.54
C SER D 42 10.61 20.91 11.51
N PHE D 43 11.44 21.44 10.63
CA PHE D 43 12.82 20.99 10.54
C PHE D 43 13.69 21.78 11.51
N ASP D 44 13.74 23.09 11.38
CA ASP D 44 14.58 23.96 12.24
C ASP D 44 14.10 23.96 13.70
N ASP D 49 13.93 20.22 23.74
CA ASP D 49 13.66 19.86 25.13
C ASP D 49 13.42 18.34 25.23
N GLU D 50 14.38 17.63 25.81
CA GLU D 50 14.37 16.17 25.90
C GLU D 50 13.06 15.60 26.48
N GLU D 51 12.60 16.17 27.59
CA GLU D 51 11.46 15.62 28.31
C GLU D 51 10.13 15.90 27.60
N ARG D 52 10.01 17.10 27.05
CA ARG D 52 8.84 17.47 26.25
C ARG D 52 8.75 16.60 25.00
N ASP D 53 9.90 16.31 24.38
CA ASP D 53 9.93 15.46 23.18
C ASP D 53 9.57 13.99 23.45
N ARG D 54 10.04 13.44 24.58
CA ARG D 54 9.61 12.11 25.01
C ARG D 54 8.11 12.02 25.31
N HIS D 55 7.58 13.07 25.91
CA HIS D 55 6.16 13.13 26.27
C HIS D 55 5.32 13.17 24.99
N LEU D 56 5.81 13.84 23.95
CA LEU D 56 5.11 13.86 22.67
C LEU D 56 5.05 12.43 22.04
N ILE D 57 6.18 11.73 22.07
CA ILE D 57 6.27 10.36 21.52
C ILE D 57 5.25 9.46 22.23
N GLU D 58 5.22 9.50 23.55
CA GLU D 58 4.26 8.74 24.33
C GLU D 58 2.82 9.16 23.98
N TYR D 59 2.59 10.46 23.87
CA TYR D 59 1.26 10.96 23.57
C TYR D 59 0.78 10.45 22.17
N LEU D 60 1.67 10.50 21.19
CA LEU D 60 1.34 9.97 19.86
C LEU D 60 0.98 8.50 19.88
N MET D 61 1.77 7.69 20.58
CA MET D 61 1.56 6.26 20.65
C MET D 61 0.29 5.91 21.41
N LYS D 62 0.04 6.56 22.54
CA LYS D 62 -1.15 6.20 23.32
C LYS D 62 -2.46 6.64 22.61
N HIS D 63 -2.43 7.70 21.82
CA HIS D 63 -3.62 8.15 21.12
C HIS D 63 -3.78 7.56 19.70
N GLY D 64 -2.92 6.60 19.35
CA GLY D 64 -2.84 6.08 17.99
C GLY D 64 -2.49 7.04 16.84
N HIS D 65 -1.86 8.20 17.09
CA HIS D 65 -1.44 9.05 15.97
C HIS D 65 -0.09 8.46 15.50
N GLU D 66 -0.16 7.47 14.64
CA GLU D 66 1.01 6.64 14.34
C GLU D 66 1.78 7.10 13.10
N THR D 67 1.18 7.96 12.27
CA THR D 67 1.80 8.43 11.04
C THR D 67 3.21 9.06 11.21
N PRO D 68 3.46 9.78 12.32
CA PRO D 68 4.81 10.36 12.47
C PRO D 68 5.94 9.32 12.51
N PHE D 69 5.62 8.11 12.94
CA PHE D 69 6.60 7.00 13.01
C PHE D 69 6.96 6.45 11.66
N GLU D 70 6.16 6.74 10.65
CA GLU D 70 6.47 6.38 9.28
C GLU D 70 7.68 7.08 8.77
N HIS D 71 8.12 8.11 9.48
CA HIS D 71 9.24 8.90 8.96
C HIS D 71 10.56 8.38 9.52
N ILE D 72 10.52 7.26 10.24
CA ILE D 72 11.76 6.59 10.66
C ILE D 72 11.83 5.36 9.80
N VAL D 73 12.96 5.16 9.12
CA VAL D 73 13.07 4.03 8.20
C VAL D 73 14.32 3.14 8.44
N PHE D 74 14.17 1.82 8.28
CA PHE D 74 15.28 0.87 8.41
C PHE D 74 15.46 0.05 7.16
N THR D 75 16.72 -0.27 6.84
CA THR D 75 17.03 -1.37 5.93
C THR D 75 17.79 -2.48 6.65
N PHE D 76 17.29 -3.69 6.55
CA PHE D 76 17.91 -4.89 7.15
C PHE D 76 18.30 -5.86 6.05
N HIS D 77 19.33 -6.64 6.33
CA HIS D 77 19.74 -7.75 5.52
C HIS D 77 19.51 -8.97 6.38
N VAL D 78 18.63 -9.82 5.88
CA VAL D 78 18.19 -10.99 6.64
C VAL D 78 18.57 -12.26 5.89
N LYS D 79 19.01 -13.25 6.65
CA LYS D 79 19.27 -14.59 6.09
C LYS D 79 18.39 -15.51 6.89
N ALA D 80 17.48 -16.19 6.22
CA ALA D 80 16.42 -16.93 6.91
C ALA D 80 15.96 -18.10 6.03
N PRO D 81 15.50 -19.18 6.63
CA PRO D 81 14.94 -20.27 5.82
C PRO D 81 13.69 -19.85 5.06
N ILE D 82 13.38 -20.53 3.96
CA ILE D 82 12.22 -20.19 3.14
C ILE D 82 10.90 -20.16 3.92
N PHE D 83 10.65 -21.12 4.79
CA PHE D 83 9.38 -21.14 5.51
C PHE D 83 9.26 -19.90 6.43
N VAL D 84 10.39 -19.35 6.89
CA VAL D 84 10.34 -18.10 7.65
C VAL D 84 10.13 -16.94 6.69
N ALA D 85 10.88 -16.91 5.59
CA ALA D 85 10.73 -15.85 4.62
C ALA D 85 9.33 -15.71 4.05
N ARG D 86 8.63 -16.84 3.88
CA ARG D 86 7.29 -16.83 3.36
C ARG D 86 6.33 -16.13 4.28
N GLN D 87 6.48 -16.33 5.59
CA GLN D 87 5.58 -15.69 6.51
C GLN D 87 5.97 -14.21 6.54
N TRP D 88 7.26 -13.91 6.48
CA TRP D 88 7.75 -12.54 6.65
C TRP D 88 7.27 -11.66 5.47
N PHE D 89 7.35 -12.21 4.24
CA PHE D 89 6.93 -11.53 3.02
C PHE D 89 5.46 -11.28 2.94
N ARG D 90 4.67 -11.81 3.89
CA ARG D 90 3.27 -11.42 3.95
C ARG D 90 3.06 -9.97 4.38
N HIS D 91 4.08 -9.37 4.98
CA HIS D 91 4.00 -7.96 5.44
C HIS D 91 4.20 -7.05 4.24
N ARG D 92 3.08 -6.57 3.73
CA ARG D 92 3.06 -5.94 2.43
C ARG D 92 3.56 -4.51 2.49
N ILE D 93 3.47 -3.88 3.63
CA ILE D 93 3.81 -2.46 3.69
C ILE D 93 5.27 -2.33 4.06
N ALA D 94 6.10 -2.60 3.04
CA ALA D 94 7.58 -2.70 3.18
C ALA D 94 8.13 -3.02 1.80
N SER D 95 9.43 -3.01 1.67
CA SER D 95 10.10 -3.25 0.41
C SER D 95 11.09 -4.42 0.58
N TYR D 96 11.10 -5.33 -0.37
CA TYR D 96 11.89 -6.52 -0.35
C TYR D 96 12.70 -6.68 -1.61
N ASN D 97 13.94 -7.10 -1.46
CA ASN D 97 14.68 -7.69 -2.55
C ASN D 97 15.33 -8.99 -2.12
N GLU D 98 15.04 -10.06 -2.83
CA GLU D 98 15.52 -11.40 -2.44
C GLU D 98 16.64 -11.82 -3.39
N LEU D 99 17.58 -12.59 -2.84
CA LEU D 99 18.78 -13.00 -3.51
C LEU D 99 18.39 -13.67 -4.78
N SER D 100 19.05 -13.28 -5.85
CA SER D 100 18.86 -13.91 -7.12
C SER D 100 20.23 -14.24 -7.70
N GLY D 101 20.28 -15.41 -8.34
CA GLY D 101 21.45 -15.83 -9.11
C GLY D 101 21.73 -15.03 -10.36
N ARG D 102 20.81 -14.16 -10.75
CA ARG D 102 21.05 -13.26 -11.88
C ARG D 102 22.09 -12.19 -11.52
N TYR D 103 22.15 -11.77 -10.24
CA TYR D 103 23.08 -10.68 -9.82
C TYR D 103 24.19 -11.09 -8.86
N SER D 104 23.99 -12.21 -8.17
CA SER D 104 24.93 -12.62 -7.12
C SER D 104 25.06 -14.14 -7.09
N LYS D 105 26.05 -14.62 -6.35
CA LYS D 105 26.22 -16.06 -6.29
C LYS D 105 25.40 -16.70 -5.16
N LEU D 106 24.92 -17.91 -5.46
CA LEU D 106 24.03 -18.65 -4.59
C LEU D 106 24.82 -19.64 -3.77
N SER D 107 24.43 -19.83 -2.53
CA SER D 107 24.94 -20.93 -1.71
C SER D 107 23.76 -21.71 -1.18
N TYR D 108 24.06 -22.90 -0.69
CA TYR D 108 23.05 -23.88 -0.35
C TYR D 108 23.31 -24.33 1.07
N GLU D 109 22.57 -23.73 1.98
CA GLU D 109 22.62 -24.01 3.39
C GLU D 109 21.19 -24.23 3.84
N PHE D 110 21.03 -25.03 4.89
CA PHE D 110 19.75 -25.48 5.36
C PHE D 110 19.68 -25.40 6.88
N TYR D 111 18.51 -25.06 7.37
CA TYR D 111 18.27 -24.94 8.78
C TYR D 111 17.97 -26.32 9.33
N ILE D 112 18.84 -26.75 10.25
CA ILE D 112 18.67 -28.00 10.98
C ILE D 112 18.36 -27.64 12.43
N PRO D 113 17.11 -27.83 12.88
CA PRO D 113 16.77 -27.48 14.27
C PRO D 113 17.62 -28.21 15.31
N SER D 114 17.93 -27.56 16.42
CA SER D 114 18.66 -28.24 17.46
C SER D 114 17.75 -29.20 18.27
N PRO D 115 18.36 -30.14 19.00
CA PRO D 115 17.54 -31.03 19.83
C PRO D 115 16.76 -30.39 20.99
N GLU D 116 17.26 -29.22 21.46
CA GLU D 116 16.54 -28.38 22.44
C GLU D 116 15.22 -27.86 21.89
N ARG D 117 15.22 -27.45 20.63
CA ARG D 117 14.02 -27.05 19.91
C ARG D 117 12.85 -28.03 20.02
N LEU D 118 13.13 -29.33 20.14
CA LEU D 118 12.07 -30.34 20.25
C LEU D 118 11.82 -30.82 21.69
N GLU D 119 12.65 -30.40 22.63
CA GLU D 119 12.41 -30.64 24.05
C GLU D 119 11.22 -29.76 24.43
N GLY D 120 10.20 -30.38 25.01
CA GLY D 120 8.89 -29.76 25.19
C GLY D 120 7.85 -30.80 24.81
N TYR D 121 7.94 -31.28 23.57
CA TYR D 121 6.98 -32.25 23.03
C TYR D 121 7.39 -33.67 23.39
N LYS D 122 6.40 -34.52 23.64
CA LYS D 122 6.66 -35.87 24.09
C LYS D 122 6.79 -36.80 22.88
N THR D 123 7.92 -36.70 22.19
CA THR D 123 8.15 -37.43 20.93
C THR D 123 8.55 -38.90 21.09
N THR D 124 8.05 -39.73 20.18
CA THR D 124 8.35 -41.19 20.12
C THR D 124 9.79 -41.55 19.81
N ILE D 125 10.51 -40.64 19.16
CA ILE D 125 11.92 -40.86 18.89
C ILE D 125 12.71 -39.70 19.49
N PRO D 126 13.93 -39.96 19.99
CA PRO D 126 14.68 -38.91 20.65
C PRO D 126 14.81 -37.69 19.75
N PRO D 127 14.82 -36.48 20.35
CA PRO D 127 14.99 -35.27 19.56
C PRO D 127 16.22 -35.27 18.61
N GLU D 128 17.27 -35.99 18.98
CA GLU D 128 18.52 -36.03 18.20
C GLU D 128 18.32 -36.87 16.95
N ARG D 129 17.50 -37.90 17.03
CA ARG D 129 17.10 -38.66 15.86
C ARG D 129 16.21 -37.82 14.93
N VAL D 130 15.40 -36.94 15.51
CA VAL D 130 14.63 -35.99 14.70
C VAL D 130 15.55 -35.05 13.90
N THR D 131 16.51 -34.44 14.58
CA THR D 131 17.54 -33.61 13.96
C THR D 131 18.24 -34.34 12.81
N GLU D 132 18.60 -35.61 13.07
CA GLU D 132 19.29 -36.47 12.11
C GLU D 132 18.41 -36.81 10.91
N LYS D 133 17.16 -37.19 11.16
CA LYS D 133 16.23 -37.43 10.03
C LYS D 133 16.06 -36.22 9.12
N ILE D 134 16.05 -35.01 9.71
CA ILE D 134 15.91 -33.79 8.93
C ILE D 134 17.17 -33.54 8.13
N SER D 135 18.34 -33.68 8.79
CA SER D 135 19.62 -33.60 8.07
C SER D 135 19.69 -34.57 6.92
N GLU D 136 19.23 -35.79 7.17
CA GLU D 136 19.27 -36.84 6.15
C GLU D 136 18.48 -36.48 4.91
N ILE D 137 17.25 -36.01 5.09
CA ILE D 137 16.43 -35.58 3.94
C ILE D 137 17.04 -34.44 3.17
N VAL D 138 17.57 -33.44 3.89
CA VAL D 138 18.25 -32.31 3.27
C VAL D 138 19.41 -32.79 2.40
N ASP D 139 20.19 -33.75 2.91
CA ASP D 139 21.33 -34.23 2.14
C ASP D 139 20.86 -34.92 0.87
N LYS D 140 19.81 -35.74 0.99
CA LYS D 140 19.27 -36.49 -0.15
C LYS D 140 18.60 -35.56 -1.18
N ALA D 141 17.87 -34.54 -0.72
CA ALA D 141 17.23 -33.58 -1.63
C ALA D 141 18.30 -32.75 -2.33
N TYR D 142 19.28 -32.29 -1.59
CA TYR D 142 20.40 -31.54 -2.17
C TYR D 142 21.21 -32.32 -3.19
N ARG D 143 21.52 -33.57 -2.90
CA ARG D 143 22.27 -34.41 -3.84
C ARG D 143 21.44 -34.75 -5.08
N THR D 144 20.11 -34.87 -4.94
CA THR D 144 19.24 -35.09 -6.09
C THR D 144 19.25 -33.81 -6.97
N TYR D 145 19.10 -32.65 -6.33
CA TYR D 145 19.23 -31.36 -6.99
C TYR D 145 20.50 -31.25 -7.82
N LEU D 146 21.63 -31.59 -7.22
CA LEU D 146 22.93 -31.55 -7.89
C LEU D 146 23.03 -32.52 -9.06
N GLU D 147 22.53 -33.75 -8.88
CA GLU D 147 22.42 -34.73 -9.96
C GLU D 147 21.60 -34.23 -11.15
N LEU D 148 20.46 -33.60 -10.88
CA LEU D 148 19.63 -33.02 -11.95
C LEU D 148 20.38 -31.92 -12.72
N ILE D 149 20.98 -31.01 -11.97
CA ILE D 149 21.79 -29.92 -12.54
C ILE D 149 22.90 -30.44 -13.41
N GLU D 150 23.59 -31.49 -12.95
CA GLU D 150 24.70 -32.09 -13.67
C GLU D 150 24.25 -32.76 -14.95
N SER D 151 23.01 -33.24 -14.91
CA SER D 151 22.33 -33.86 -16.04
C SER D 151 21.86 -32.85 -17.09
N GLY D 152 21.97 -31.56 -16.82
CA GLY D 152 21.45 -30.58 -17.76
C GLY D 152 20.05 -30.06 -17.46
N VAL D 153 19.46 -30.39 -16.30
CA VAL D 153 18.17 -29.78 -15.94
C VAL D 153 18.39 -28.36 -15.46
N PRO D 154 17.66 -27.38 -16.01
CA PRO D 154 17.84 -26.00 -15.57
C PRO D 154 17.63 -25.86 -14.08
N ARG D 155 18.36 -24.96 -13.43
CA ARG D 155 18.29 -24.81 -11.98
C ARG D 155 16.87 -24.47 -11.50
N ARG D 156 16.11 -23.73 -12.31
CA ARG D 156 14.80 -23.28 -11.86
C ARG D 156 13.77 -24.42 -11.85
N VAL D 157 14.05 -25.48 -12.57
CA VAL D 157 13.27 -26.74 -12.50
C VAL D 157 13.87 -27.64 -11.37
N ALA D 158 15.19 -27.84 -11.37
CA ALA D 158 15.81 -28.74 -10.40
C ALA D 158 15.50 -28.34 -8.94
N ARG D 159 15.48 -27.05 -8.65
CA ARG D 159 15.38 -26.55 -7.30
C ARG D 159 14.05 -26.86 -6.63
N ILE D 160 13.06 -27.32 -7.39
CA ILE D 160 11.76 -27.56 -6.81
C ILE D 160 11.79 -28.76 -5.83
N VAL D 161 12.87 -29.57 -5.84
CA VAL D 161 12.95 -30.72 -4.93
C VAL D 161 13.58 -30.31 -3.64
N LEU D 162 14.06 -29.07 -3.57
CA LEU D 162 14.73 -28.62 -2.35
C LEU D 162 13.72 -28.29 -1.24
N PRO D 163 14.10 -28.56 0.02
CA PRO D 163 13.16 -28.40 1.12
C PRO D 163 12.96 -26.95 1.60
N LEU D 164 11.88 -26.73 2.33
CA LEU D 164 11.51 -25.42 2.83
C LEU D 164 12.45 -24.85 3.88
N ASN D 165 13.38 -25.66 4.39
CA ASN D 165 14.39 -25.17 5.33
C ASN D 165 15.64 -24.65 4.64
N LEU D 166 15.66 -24.60 3.33
CA LEU D 166 16.71 -23.91 2.62
C LEU D 166 16.78 -22.41 2.99
N TYR D 167 17.98 -21.92 3.29
CA TYR D 167 18.20 -20.54 3.60
C TYR D 167 18.17 -19.66 2.36
N THR D 168 17.53 -18.50 2.52
CA THR D 168 17.54 -17.48 1.49
C THR D 168 18.00 -16.18 2.17
N ARG D 169 18.30 -15.16 1.37
CA ARG D 169 18.63 -13.88 1.93
C ARG D 169 17.87 -12.77 1.25
N PHE D 170 17.62 -11.70 2.00
CA PHE D 170 16.86 -10.55 1.48
C PHE D 170 17.19 -9.26 2.19
N PHE D 171 17.08 -8.15 1.45
CA PHE D 171 17.00 -6.81 2.02
C PHE D 171 15.51 -6.47 2.29
N TRP D 172 15.28 -5.81 3.42
CA TRP D 172 13.95 -5.43 3.89
C TRP D 172 14.05 -4.01 4.34
N THR D 173 13.37 -3.11 3.64
CA THR D 173 13.27 -1.71 4.04
C THR D 173 11.84 -1.49 4.53
N VAL D 174 11.74 -0.90 5.71
CA VAL D 174 10.51 -0.86 6.45
C VAL D 174 10.54 0.33 7.36
N ASN D 175 9.39 1.00 7.45
CA ASN D 175 9.29 2.12 8.40
C ASN D 175 8.86 1.63 9.79
N ALA D 176 9.03 2.50 10.79
CA ALA D 176 8.83 2.12 12.19
C ALA D 176 7.39 1.76 12.51
N ARG D 177 6.45 2.38 11.83
CA ARG D 177 5.07 2.01 12.00
C ARG D 177 4.80 0.57 11.51
N SER D 178 5.26 0.27 10.32
CA SER D 178 5.08 -1.05 9.79
C SER D 178 5.89 -2.10 10.62
N LEU D 179 7.05 -1.70 11.12
CA LEU D 179 7.91 -2.57 11.89
C LEU D 179 7.20 -2.90 13.21
N MET D 180 6.51 -1.91 13.78
CA MET D 180 5.68 -2.18 14.98
C MET D 180 4.54 -3.20 14.72
N ASN D 181 3.91 -3.06 13.57
CA ASN D 181 2.84 -3.98 13.25
C ASN D 181 3.45 -5.41 13.10
N PHE D 182 4.60 -5.49 12.46
CA PHE D 182 5.35 -6.75 12.32
C PHE D 182 5.67 -7.39 13.69
N LEU D 183 6.20 -6.60 14.62
CA LEU D 183 6.44 -7.07 15.98
C LEU D 183 5.14 -7.52 16.69
N ASN D 184 4.06 -6.78 16.52
CA ASN D 184 2.77 -7.17 17.07
C ASN D 184 2.34 -8.56 16.67
N LEU D 185 2.59 -8.92 15.42
CA LEU D 185 2.17 -10.20 14.90
C LEU D 185 3.20 -11.32 15.12
N ARG D 186 4.48 -10.99 15.01
CA ARG D 186 5.52 -11.99 15.02
C ARG D 186 6.28 -12.14 16.36
N ALA D 187 6.36 -11.06 17.12
CA ALA D 187 6.91 -11.12 18.47
C ALA D 187 5.81 -11.52 19.45
N ASP D 188 5.37 -12.77 19.29
CA ASP D 188 4.23 -13.31 19.98
C ASP D 188 4.32 -14.82 20.06
N SER D 189 3.89 -15.36 21.18
CA SER D 189 4.11 -16.76 21.47
C SER D 189 3.27 -17.71 20.61
N HIS D 190 2.26 -17.21 19.91
CA HIS D 190 1.49 -18.05 18.97
C HIS D 190 2.14 -18.12 17.60
N ALA D 191 3.04 -17.19 17.27
CA ALA D 191 3.80 -17.27 16.01
C ALA D 191 4.74 -18.44 16.05
N GLN D 192 5.22 -18.87 14.89
CA GLN D 192 6.15 -19.99 14.88
C GLN D 192 7.42 -19.56 15.62
N TRP D 193 7.98 -20.45 16.40
CA TRP D 193 9.17 -20.14 17.20
C TRP D 193 10.30 -19.49 16.38
N GLU D 194 10.61 -20.07 15.22
CA GLU D 194 11.70 -19.55 14.37
C GLU D 194 11.44 -18.07 14.02
N ILE D 195 10.23 -17.69 13.61
CA ILE D 195 10.03 -16.27 13.27
C ILE D 195 10.04 -15.40 14.53
N GLN D 196 9.60 -15.95 15.67
CA GLN D 196 9.77 -15.25 16.96
C GLN D 196 11.21 -14.77 17.18
N GLN D 197 12.15 -15.69 16.96
CA GLN D 197 13.59 -15.42 17.16
CA GLN D 197 13.57 -15.40 17.18
C GLN D 197 14.06 -14.28 16.26
N TYR D 198 13.61 -14.28 15.01
CA TYR D 198 13.92 -13.15 14.10
C TYR D 198 13.25 -11.84 14.57
N ALA D 199 12.02 -11.94 15.04
CA ALA D 199 11.28 -10.77 15.52
C ALA D 199 11.99 -10.15 16.74
N LEU D 200 12.49 -11.00 17.64
CA LEU D 200 13.26 -10.54 18.80
C LEU D 200 14.51 -9.74 18.43
N ALA D 201 15.24 -10.19 17.43
CA ALA D 201 16.42 -9.45 16.91
C ALA D 201 16.04 -8.12 16.22
N ILE D 202 14.99 -8.13 15.43
CA ILE D 202 14.41 -6.93 14.84
C ILE D 202 14.09 -5.95 15.95
N ALA D 203 13.40 -6.45 16.97
CA ALA D 203 13.06 -5.67 18.15
C ALA D 203 14.29 -5.10 18.82
N ARG D 204 15.32 -5.92 18.95
CA ARG D 204 16.57 -5.42 19.54
C ARG D 204 17.22 -4.23 18.79
N ILE D 205 17.34 -4.34 17.48
CA ILE D 205 17.87 -3.24 16.67
C ILE D 205 16.94 -1.98 16.74
N PHE D 206 15.64 -2.20 16.64
CA PHE D 206 14.69 -1.12 16.76
C PHE D 206 14.89 -0.34 18.09
N LYS D 207 14.98 -1.07 19.17
CA LYS D 207 15.19 -0.49 20.49
C LYS D 207 16.51 0.31 20.61
N GLU D 208 17.57 -0.21 20.01
CA GLU D 208 18.88 0.45 20.05
C GLU D 208 18.84 1.78 19.30
N LYS D 209 18.15 1.80 18.17
CA LYS D 209 18.07 3.02 17.34
C LYS D 209 17.01 4.04 17.76
N CYS D 210 15.87 3.54 18.30
CA CYS D 210 14.72 4.35 18.71
C CYS D 210 14.21 3.94 20.09
N PRO D 211 15.02 4.17 21.11
CA PRO D 211 14.68 3.71 22.45
C PRO D 211 13.36 4.31 22.95
N TRP D 212 13.10 5.58 22.65
CA TRP D 212 11.91 6.21 23.18
C TRP D 212 10.65 5.66 22.53
N THR D 213 10.68 5.51 21.21
CA THR D 213 9.56 4.97 20.48
C THR D 213 9.33 3.52 20.89
N PHE D 214 10.43 2.79 21.07
CA PHE D 214 10.33 1.39 21.44
C PHE D 214 9.65 1.26 22.79
N GLU D 215 10.10 2.03 23.76
CA GLU D 215 9.52 2.01 25.09
C GLU D 215 8.02 2.38 25.09
N ALA D 216 7.64 3.45 24.39
CA ALA D 216 6.23 3.83 24.26
C ALA D 216 5.38 2.75 23.56
N PHE D 217 5.94 2.15 22.52
CA PHE D 217 5.32 0.99 21.89
C PHE D 217 5.01 -0.10 22.93
N LEU D 218 6.00 -0.55 23.70
CA LEU D 218 5.74 -1.63 24.68
C LEU D 218 4.68 -1.24 25.70
N LYS D 219 4.75 -0.01 26.17
CA LYS D 219 3.87 0.50 27.19
C LYS D 219 2.43 0.57 26.68
N TYR D 220 2.24 1.05 25.45
CA TYR D 220 0.92 1.48 25.01
C TYR D 220 0.31 0.75 23.82
N ALA D 221 1.10 0.20 22.94
CA ALA D 221 0.57 -0.28 21.67
C ALA D 221 0.89 -1.74 21.37
N TYR D 222 1.90 -2.32 21.99
CA TYR D 222 2.31 -3.69 21.67
C TYR D 222 1.27 -4.67 22.21
N LYS D 223 0.86 -5.59 21.33
CA LYS D 223 -0.25 -6.51 21.64
C LYS D 223 0.22 -7.89 22.02
N GLY D 224 1.46 -8.21 21.73
CA GLY D 224 1.97 -9.55 22.01
C GLY D 224 2.53 -9.70 23.41
N ASP D 225 3.16 -10.84 23.67
CA ASP D 225 3.62 -11.20 25.03
C ASP D 225 5.16 -11.20 25.21
N ILE D 226 5.89 -11.66 24.20
CA ILE D 226 7.31 -12.03 24.42
C ILE D 226 8.29 -10.89 24.71
N LEU D 227 8.06 -9.73 24.13
CA LEU D 227 8.88 -8.54 24.38
C LEU D 227 8.78 -8.00 25.82
N LYS D 228 7.74 -8.36 26.56
CA LYS D 228 7.63 -8.00 27.97
C LYS D 228 8.17 -9.10 28.89
N GLU D 229 8.66 -10.21 28.31
CA GLU D 229 9.18 -11.36 29.06
C GLU D 229 10.70 -11.49 28.95
N VAL D 230 11.27 -11.26 27.75
CA VAL D 230 12.70 -11.46 27.51
C VAL D 230 13.54 -10.22 27.82
PA FAD E . 3.20 -4.84 -6.32
O1A FAD E . 1.68 -5.30 -6.37
O2A FAD E . 4.19 -5.17 -5.24
O5B FAD E . 3.19 -3.27 -6.64
C5B FAD E . 2.51 -2.83 -7.81
C4B FAD E . 3.00 -1.42 -8.04
O4B FAD E . 2.83 -0.71 -6.81
C3B FAD E . 4.48 -1.39 -8.33
O3B FAD E . 4.69 -1.57 -9.73
C2B FAD E . 4.91 -0.06 -7.74
O2B FAD E . 4.59 1.03 -8.62
C1B FAD E . 3.98 0.08 -6.56
N9A FAD E . 4.50 -0.19 -5.20
C8A FAD E . 3.94 -1.03 -4.28
N7A FAD E . 4.58 -0.91 -3.09
C5A FAD E . 5.56 0.03 -3.26
C6A FAD E . 6.55 0.61 -2.47
N6A FAD E . 6.71 0.22 -1.18
N1A FAD E . 7.34 1.54 -2.99
C2A FAD E . 7.24 1.97 -4.29
N3A FAD E . 6.28 1.47 -5.12
C4A FAD E . 5.47 0.51 -4.67
C1' FAD E . 9.94 -10.09 -8.94
C2' FAD E . 10.06 -8.58 -8.97
O2' FAD E . 11.33 -8.20 -8.45
C3' FAD E . 9.00 -7.82 -8.14
O3' FAD E . 9.19 -8.09 -6.76
C4' FAD E . 7.59 -8.20 -8.52
O4' FAD E . 7.43 -8.08 -9.95
C5' FAD E . 6.60 -7.32 -7.74
O5' FAD E . 6.02 -6.38 -8.65
P FAD E . 5.52 -4.92 -8.15
O1P FAD E . 6.49 -4.37 -7.11
O2P FAD E . 5.30 -4.13 -9.43
O3P FAD E . 3.99 -5.35 -7.65
PA FAD F . -4.47 4.40 5.69
O1A FAD F . -5.68 3.79 4.88
O2A FAD F . -3.53 5.45 5.17
O5B FAD F . -3.63 3.17 6.30
C5B FAD F . -4.36 2.05 6.79
C4B FAD F . -3.36 1.18 7.54
O4B FAD F . -2.29 0.75 6.67
C3B FAD F . -2.70 1.95 8.66
O3B FAD F . -3.47 1.78 9.83
C2B FAD F . -1.29 1.41 8.70
O2B FAD F . -1.24 0.24 9.53
C1B FAD F . -1.02 0.98 7.28
N9A FAD F . -0.23 1.86 6.39
C8A FAD F . -0.65 2.37 5.21
N7A FAD F . 0.38 2.99 4.55
C5A FAD F . 1.45 2.88 5.34
C6A FAD F . 2.78 3.29 5.21
N6A FAD F . 3.17 4.02 4.12
N1A FAD F . 3.63 2.96 6.19
C2A FAD F . 3.27 2.20 7.29
N3A FAD F . 2.01 1.77 7.48
C4A FAD F . 1.07 2.10 6.53
N1 FAD F . -2.38 13.50 10.43
C2 FAD F . -1.82 14.58 10.05
O2 FAD F . -1.36 14.60 8.92
N3 FAD F . -1.78 15.69 10.82
C4 FAD F . -2.30 15.76 12.06
O4 FAD F . -2.24 16.75 12.75
C4X FAD F . -2.96 14.55 12.64
N5 FAD F . -3.55 14.47 13.94
C5X FAD F . -3.99 13.19 14.42
C6 FAD F . -4.43 13.05 15.89
C7 FAD F . -4.89 11.68 16.38
C7M FAD F . -5.35 11.48 17.84
C8 FAD F . -4.90 10.55 15.39
C8M FAD F . -5.33 9.18 15.81
C9 FAD F . -4.48 10.71 14.11
C9A FAD F . -4.01 12.00 13.51
N10 FAD F . -3.64 12.12 12.25
C10 FAD F . -3.01 13.35 11.75
C1' FAD F . -3.60 10.99 11.33
C2' FAD F . -4.41 11.17 10.08
O2' FAD F . -5.73 11.40 10.57
C3' FAD F . -4.20 9.87 9.28
O3' FAD F . -3.41 10.20 8.13
C4' FAD F . -5.48 9.21 8.82
O4' FAD F . -6.31 8.98 9.99
C5' FAD F . -5.20 7.92 8.02
O5' FAD F . -5.14 6.77 8.86
P FAD F . -4.29 5.45 8.43
O1P FAD F . -2.86 5.93 8.21
O2P FAD F . -4.52 4.33 9.42
O3P FAD F . -5.08 5.07 7.05
N10 MEF G . -8.41 15.20 16.23
CM MEF G . -7.58 15.71 15.10
N5 MEF G . -7.07 14.55 14.34
C9 MEF G . -8.46 13.72 16.17
C6 MEF G . -7.72 13.32 14.91
C7 MEF G . -8.66 12.57 13.98
N8 MEF G . -7.83 12.39 12.79
C8A MEF G . -7.43 13.53 12.16
C4A MEF G . -7.07 14.67 12.91
N1 MEF G . -7.43 13.58 10.79
C2 MEF G . -7.06 14.68 10.12
NA2 MEF G . -7.09 14.58 8.79
N3 MEF G . -6.68 15.80 10.81
C4 MEF G . -6.67 15.81 12.19
O4 MEF G . -6.30 16.94 12.85
PA FAD H . 0.30 6.29 -5.97
O1A FAD H . 1.65 6.68 -5.23
O2A FAD H . -1.09 6.42 -5.49
O5B FAD H . 0.56 4.82 -6.57
C5B FAD H . 1.83 4.58 -7.16
C4B FAD H . 1.75 3.26 -7.89
O4B FAD H . 1.32 2.23 -7.00
C3B FAD H . 0.69 3.35 -8.97
O3B FAD H . 1.33 3.85 -10.15
C2B FAD H . 0.10 1.94 -9.02
O2B FAD H . 0.86 1.01 -9.81
C1B FAD H . 0.24 1.48 -7.60
N9A FAD H . -0.95 1.53 -6.72
C8A FAD H . -1.08 2.18 -5.52
N7A FAD H . -2.29 1.89 -4.92
C5A FAD H . -2.92 1.02 -5.76
C6A FAD H . -4.13 0.34 -5.76
N6A FAD H . -4.99 0.51 -4.74
N1A FAD H . -4.39 -0.49 -6.78
C2A FAD H . -3.57 -0.69 -7.83
N3A FAD H . -2.37 -0.08 -7.92
C4A FAD H . -2.02 0.78 -6.93
C1' FAD H . -5.06 12.22 -9.76
C2' FAD H . -4.28 11.12 -10.48
O2' FAD H . -5.19 10.42 -11.31
C3' FAD H . -3.65 10.04 -9.58
O3' FAD H . -4.46 9.83 -8.41
C4' FAD H . -2.26 10.42 -9.14
O4' FAD H . -1.43 10.66 -10.30
C5' FAD H . -1.66 9.34 -8.24
O5' FAD H . -0.90 8.45 -9.05
P FAD H . -0.69 6.91 -8.68
O1P FAD H . -2.02 6.25 -8.34
O2P FAD H . 0.12 6.31 -9.83
O3P FAD H . 0.33 7.07 -7.41
PA FAD I . 0.90 -5.71 6.11
O1A FAD I . 2.32 -5.04 6.24
O2A FAD I . 0.55 -6.63 5.02
O5B FAD I . -0.19 -4.53 6.38
C5B FAD I . 0.08 -3.56 7.40
C4B FAD I . -1.27 -2.92 7.73
O4B FAD I . -1.72 -2.22 6.56
C3B FAD I . -2.37 -3.96 8.00
O3B FAD I . -2.53 -4.35 9.38
C2B FAD I . -3.63 -3.34 7.46
O2B FAD I . -4.19 -2.39 8.39
C1B FAD I . -3.11 -2.54 6.29
N9A FAD I . -3.24 -3.14 4.96
C8A FAD I . -2.20 -3.39 4.11
N7A FAD I . -2.66 -3.83 2.91
C5A FAD I . -4.02 -3.83 3.01
C6A FAD I . -5.07 -4.15 2.13
N6A FAD I . -4.81 -4.60 0.89
N1A FAD I . -6.33 -4.03 2.59
C2A FAD I . -6.63 -3.58 3.83
N3A FAD I . -5.69 -3.23 4.72
C4A FAD I . -4.38 -3.35 4.36
N1 FAD I . -2.96 -15.50 6.97
C2 FAD I . -3.21 -16.46 6.17
O2 FAD I . -3.08 -16.27 4.99
N3 FAD I . -3.67 -17.69 6.53
C4 FAD I . -3.91 -18.04 7.80
O4 FAD I . -4.34 -19.14 8.14
C4X FAD I . -3.66 -17.05 8.87
N5 FAD I . -3.91 -17.34 10.26
C5X FAD I . -3.76 -16.21 11.15
C6 FAD I . -4.15 -16.46 12.57
C7 FAD I . -4.01 -15.33 13.56
C7M FAD I . -4.39 -15.54 15.01
C8 FAD I . -3.48 -14.01 13.08
C8M FAD I . -3.39 -12.93 14.12
C9 FAD I . -3.14 -13.79 11.76
C9A FAD I . -3.24 -14.84 10.69
N10 FAD I . -2.91 -14.64 9.44
C10 FAD I . -3.17 -15.67 8.42
C1' FAD I . -2.42 -13.32 8.90
C2' FAD I . -0.98 -13.47 8.39
O2' FAD I . -0.18 -13.67 9.55
C3' FAD I . -0.42 -12.28 7.62
O3' FAD I . 0.89 -12.63 7.22
C4' FAD I . -0.26 -11.06 8.50
O4' FAD I . -1.58 -10.73 8.96
C5' FAD I . 0.38 -9.87 7.81
O5' FAD I . 0.01 -8.75 8.61
P FAD I . -0.67 -7.38 8.02
O1P FAD I . -1.65 -7.70 6.92
O2P FAD I . -1.18 -6.71 9.27
O3P FAD I . 0.65 -6.53 7.49
N10 MEF J . -0.44 -19.19 14.36
CM MEF J . -0.64 -19.25 12.89
N5 MEF J . -0.77 -17.87 12.36
C9 MEF J . -0.22 -17.78 14.75
C6 MEF J . -0.56 -16.94 13.53
C7 MEF J . 0.50 -15.86 13.33
N8 MEF J . 0.20 -15.38 11.99
C8A MEF J . 0.41 -16.29 11.00
C4A MEF J . -0.04 -17.60 11.15
N1 MEF J . 1.09 -15.90 9.90
C2 MEF J . 1.37 -16.73 8.90
NA2 MEF J . 2.07 -16.16 7.89
N3 MEF J . 0.93 -18.05 8.97
C4 MEF J . 0.22 -18.48 10.07
O4 MEF J . -0.18 -19.78 10.13
#